data_3LUM
#
_entry.id   3LUM
#
_cell.length_a   97.310
_cell.length_b   174.110
_cell.length_c   124.690
_cell.angle_alpha   90.00
_cell.angle_beta   90.00
_cell.angle_gamma   90.00
#
_symmetry.space_group_name_H-M   'C 2 2 21'
#
loop_
_entity.id
_entity.type
_entity.pdbx_description
1 polymer Ulilysin
2 non-polymer 'ZINC ION'
3 non-polymer 'CALCIUM ION'
4 non-polymer GLYCEROL
5 non-polymer ARGININE
6 non-polymer VALINE
7 water water
#
_entity_poly.entity_id   1
_entity_poly.type   'polypeptide(L)'
_entity_poly.pdbx_seq_one_letter_code
;RMEIVKIPVVVHVVWNEEEENISDAQIQSQIDILNKDFRKLNSDVSQVPSVWSNLIADLGIEFFLATKDPNGNQTTGITR
TQTSVTFFTTSDEVKFASSGGEDAWPADRYLNIWVCHVLKSEIGQDILGYAQFPGGPAETDGVVIVDAAFGTTGTALPPF
DKGRTATHEIGHWLNLYHIWGDELRFEDPCSRSDEVDDTPNQADPNFGCPSYPHVSCSNGPNGDMFMNYLDYVDDKCMVM
FTQGQATRVNACLDGPRSSFLA
;
_entity_poly.pdbx_strand_id   A,B,C,D
#
loop_
_chem_comp.id
_chem_comp.type
_chem_comp.name
_chem_comp.formula
CA non-polymer 'CALCIUM ION' 'Ca 2'
GOL non-polymer GLYCEROL 'C3 H8 O3'
ZN non-polymer 'ZINC ION' 'Zn 2'
#
# COMPACT_ATOMS: atom_id res chain seq x y z
N ARG A 1 -22.61 -24.24 -26.52
CA ARG A 1 -21.38 -24.77 -25.85
C ARG A 1 -20.96 -23.80 -24.74
N MET A 2 -20.53 -24.33 -23.59
CA MET A 2 -20.07 -23.48 -22.49
C MET A 2 -18.62 -23.06 -22.70
N GLU A 3 -18.31 -21.78 -22.46
CA GLU A 3 -16.93 -21.34 -22.29
C GLU A 3 -16.60 -21.66 -20.82
N ILE A 4 -15.64 -22.54 -20.61
CA ILE A 4 -15.28 -22.86 -19.24
C ILE A 4 -14.31 -21.80 -18.74
N VAL A 5 -14.77 -21.02 -17.78
CA VAL A 5 -13.98 -19.94 -17.24
C VAL A 5 -13.17 -20.54 -16.10
N LYS A 6 -11.84 -20.42 -16.20
CA LYS A 6 -10.93 -21.04 -15.23
C LYS A 6 -10.35 -19.97 -14.31
N ILE A 7 -10.73 -20.03 -13.03
CA ILE A 7 -10.44 -18.98 -12.06
C ILE A 7 -9.22 -19.39 -11.22
N PRO A 8 -8.14 -18.62 -11.29
CA PRO A 8 -7.00 -18.89 -10.42
C PRO A 8 -7.38 -18.50 -8.98
N VAL A 9 -7.10 -19.38 -8.04
CA VAL A 9 -7.41 -19.16 -6.63
C VAL A 9 -6.11 -19.03 -5.86
N VAL A 10 -6.06 -18.07 -4.95
CA VAL A 10 -5.01 -18.08 -3.93
C VAL A 10 -5.69 -18.26 -2.57
N VAL A 11 -5.23 -19.26 -1.81
CA VAL A 11 -5.75 -19.53 -0.47
C VAL A 11 -4.79 -18.96 0.54
N HIS A 12 -5.28 -17.98 1.30
CA HIS A 12 -4.50 -17.37 2.40
C HIS A 12 -4.90 -18.04 3.71
N VAL A 13 -4.08 -18.98 4.17
CA VAL A 13 -4.29 -19.60 5.47
C VAL A 13 -3.67 -18.67 6.54
N VAL A 14 -4.51 -18.25 7.49
CA VAL A 14 -4.10 -17.34 8.55
C VAL A 14 -4.32 -18.12 9.86
N TRP A 15 -3.23 -18.43 10.54
CA TRP A 15 -3.29 -19.42 11.64
C TRP A 15 -2.64 -18.88 12.91
N ASN A 16 -3.27 -19.17 14.04
CA ASN A 16 -2.75 -18.80 15.37
C ASN A 16 -2.18 -20.05 16.04
N GLU A 17 -3.02 -21.05 16.28
CA GLU A 17 -2.55 -22.37 16.74
C GLU A 17 -2.17 -23.21 15.53
N GLU A 18 -1.19 -24.11 15.72
CA GLU A 18 -0.68 -24.96 14.65
C GLU A 18 -1.77 -25.71 13.88
N GLU A 19 -2.79 -26.17 14.60
CA GLU A 19 -3.87 -26.96 14.02
C GLU A 19 -4.66 -26.16 12.98
N GLU A 20 -4.54 -24.84 13.05
CA GLU A 20 -5.25 -23.95 12.14
C GLU A 20 -4.54 -23.80 10.80
N ASN A 21 -3.29 -24.28 10.76
CA ASN A 21 -2.46 -24.17 9.57
C ASN A 21 -2.80 -25.38 8.69
N ILE A 22 -3.95 -25.31 8.05
CA ILE A 22 -4.57 -26.52 7.50
C ILE A 22 -3.78 -27.17 6.37
N SER A 23 -3.94 -28.48 6.24
CA SER A 23 -3.15 -29.27 5.32
C SER A 23 -3.42 -28.90 3.87
N ASP A 24 -2.42 -29.15 3.04
CA ASP A 24 -2.59 -29.12 1.59
C ASP A 24 -3.78 -29.99 1.14
N ALA A 25 -3.92 -31.18 1.74
CA ALA A 25 -5.03 -32.08 1.36
C ALA A 25 -6.38 -31.43 1.65
N GLN A 26 -6.50 -30.75 2.79
CA GLN A 26 -7.76 -30.11 3.15
C GLN A 26 -8.09 -29.00 2.14
N ILE A 27 -7.10 -28.18 1.81
CA ILE A 27 -7.27 -27.11 0.81
C ILE A 27 -7.62 -27.69 -0.55
N GLN A 28 -6.88 -28.69 -1.01
CA GLN A 28 -7.18 -29.31 -2.30
C GLN A 28 -8.59 -29.90 -2.33
N SER A 29 -9.01 -30.50 -1.21
CA SER A 29 -10.35 -31.07 -1.15
C SER A 29 -11.40 -30.02 -1.43
N GLN A 30 -11.18 -28.78 -0.97
CA GLN A 30 -12.15 -27.73 -1.22
C GLN A 30 -12.18 -27.36 -2.70
N ILE A 31 -11.01 -27.21 -3.29
CA ILE A 31 -10.91 -26.93 -4.71
C ILE A 31 -11.66 -28.00 -5.52
N ASP A 32 -11.49 -29.25 -5.13
CA ASP A 32 -12.16 -30.36 -5.81
C ASP A 32 -13.68 -30.22 -5.72
N ILE A 33 -14.20 -29.85 -4.55
CA ILE A 33 -15.63 -29.58 -4.40
C ILE A 33 -16.11 -28.45 -5.30
N LEU A 34 -15.38 -27.34 -5.35
CA LEU A 34 -15.77 -26.24 -6.22
C LEU A 34 -15.90 -26.72 -7.65
N ASN A 35 -14.92 -27.50 -8.09
CA ASN A 35 -14.93 -28.02 -9.45
C ASN A 35 -16.06 -29.01 -9.77
N LYS A 36 -16.68 -29.59 -8.74
CA LYS A 36 -17.89 -30.39 -8.93
C LYS A 36 -19.13 -29.50 -8.93
N ASP A 37 -19.28 -28.69 -7.89
CA ASP A 37 -20.48 -27.87 -7.71
C ASP A 37 -20.70 -26.88 -8.86
N PHE A 38 -19.62 -26.28 -9.35
CA PHE A 38 -19.73 -25.24 -10.38
C PHE A 38 -19.79 -25.81 -11.79
N ARG A 39 -19.77 -27.15 -11.87
CA ARG A 39 -19.87 -27.87 -13.16
C ARG A 39 -21.03 -28.84 -13.20
N LYS A 40 -21.88 -28.83 -12.15
CA LYS A 40 -22.99 -29.79 -12.03
C LYS A 40 -22.50 -31.24 -12.07
N LEU A 41 -21.33 -31.48 -11.44
CA LEU A 41 -20.76 -32.81 -11.36
C LEU A 41 -20.89 -33.42 -9.97
N ASN A 42 -21.48 -32.69 -9.01
CA ASN A 42 -21.71 -33.22 -7.68
C ASN A 42 -22.71 -34.39 -7.78
N SER A 43 -22.37 -35.54 -7.20
CA SER A 43 -23.30 -36.68 -7.29
C SER A 43 -24.63 -36.37 -6.63
N ASP A 44 -24.61 -35.59 -5.55
CA ASP A 44 -25.83 -35.30 -4.81
C ASP A 44 -26.83 -34.37 -5.50
N VAL A 45 -26.52 -33.96 -6.73
CA VAL A 45 -27.48 -33.24 -7.57
C VAL A 45 -28.76 -34.11 -7.76
N SER A 46 -28.60 -35.42 -7.60
CA SER A 46 -29.72 -36.37 -7.62
C SER A 46 -30.81 -36.11 -6.57
N GLN A 47 -30.47 -35.33 -5.54
CA GLN A 47 -31.41 -34.99 -4.44
C GLN A 47 -32.41 -33.91 -4.81
N VAL A 48 -32.20 -33.21 -5.93
CA VAL A 48 -33.07 -32.12 -6.30
C VAL A 48 -34.43 -32.70 -6.63
N PRO A 49 -35.51 -32.12 -6.07
CA PRO A 49 -36.84 -32.58 -6.45
C PRO A 49 -37.00 -32.58 -7.99
N SER A 50 -37.61 -33.65 -8.53
CA SER A 50 -37.72 -33.79 -9.99
C SER A 50 -38.45 -32.64 -10.69
N VAL A 51 -39.37 -31.98 -9.98
CA VAL A 51 -40.09 -30.85 -10.53
C VAL A 51 -39.14 -29.72 -10.94
N TRP A 52 -37.97 -29.68 -10.30
CA TRP A 52 -36.96 -28.64 -10.62
C TRP A 52 -35.72 -29.17 -11.36
N SER A 53 -35.73 -30.45 -11.76
CA SER A 53 -34.58 -31.04 -12.46
C SER A 53 -34.16 -30.20 -13.68
N ASN A 54 -35.16 -29.71 -14.41
CA ASN A 54 -34.97 -28.90 -15.59
C ASN A 54 -34.24 -27.56 -15.37
N LEU A 55 -34.26 -27.07 -14.12
CA LEU A 55 -33.66 -25.78 -13.74
C LEU A 55 -32.21 -25.87 -13.29
N ILE A 56 -31.76 -27.08 -12.99
CA ILE A 56 -30.40 -27.27 -12.45
C ILE A 56 -29.33 -26.80 -13.45
N ALA A 57 -28.41 -25.96 -13.00
CA ALA A 57 -27.43 -25.32 -13.90
C ALA A 57 -26.01 -25.86 -13.73
N ASP A 58 -25.31 -25.92 -14.87
CA ASP A 58 -23.86 -26.06 -14.95
C ASP A 58 -23.34 -24.63 -15.15
N LEU A 59 -22.72 -24.05 -14.11
CA LEU A 59 -22.22 -22.69 -14.23
C LEU A 59 -21.02 -22.51 -15.16
N GLY A 60 -20.35 -23.61 -15.48
CA GLY A 60 -19.25 -23.59 -16.43
C GLY A 60 -18.04 -22.85 -15.89
N ILE A 61 -17.83 -22.97 -14.60
CA ILE A 61 -16.66 -22.36 -13.98
C ILE A 61 -15.82 -23.44 -13.31
N GLU A 62 -14.50 -23.35 -13.48
CA GLU A 62 -13.58 -24.24 -12.76
C GLU A 62 -12.54 -23.41 -12.04
N PHE A 63 -11.89 -24.04 -11.07
CA PHE A 63 -10.96 -23.33 -10.18
C PHE A 63 -9.67 -24.11 -10.08
N PHE A 64 -8.57 -23.40 -9.92
CA PHE A 64 -7.32 -24.05 -9.68
C PHE A 64 -6.47 -23.19 -8.78
N LEU A 65 -5.67 -23.85 -7.93
CA LEU A 65 -4.70 -23.10 -7.13
C LEU A 65 -3.72 -22.45 -8.11
N ALA A 66 -3.51 -21.13 -7.95
CA ALA A 66 -2.67 -20.36 -8.87
C ALA A 66 -1.33 -21.04 -9.05
N THR A 67 -0.84 -21.03 -10.28
CA THR A 67 0.49 -21.52 -10.61
C THR A 67 1.50 -20.40 -10.79
N LYS A 68 1.03 -19.17 -11.01
CA LYS A 68 1.93 -18.02 -11.09
C LYS A 68 1.48 -17.00 -10.07
N ASP A 69 2.46 -16.41 -9.37
CA ASP A 69 2.19 -15.33 -8.45
C ASP A 69 1.91 -14.02 -9.19
N PRO A 70 1.60 -12.94 -8.45
CA PRO A 70 1.15 -11.72 -9.13
C PRO A 70 2.20 -11.12 -10.04
N ASN A 71 3.47 -11.51 -9.85
CA ASN A 71 4.56 -11.03 -10.67
C ASN A 71 5.10 -12.07 -11.64
N GLY A 72 4.35 -13.16 -11.82
CA GLY A 72 4.59 -14.15 -12.87
C GLY A 72 5.54 -15.28 -12.48
N ASN A 73 5.80 -15.42 -11.17
CA ASN A 73 6.73 -16.41 -10.64
C ASN A 73 5.99 -17.64 -10.16
N GLN A 74 6.67 -18.79 -10.15
CA GLN A 74 6.05 -20.04 -9.68
C GLN A 74 5.54 -19.90 -8.26
N THR A 75 4.34 -20.43 -8.04
CA THR A 75 3.75 -20.45 -6.72
C THR A 75 2.96 -21.74 -6.53
N THR A 76 2.72 -22.08 -5.25
CA THR A 76 1.74 -23.12 -4.86
C THR A 76 0.31 -22.61 -4.89
N GLY A 77 0.15 -21.28 -4.92
CA GLY A 77 -1.19 -20.67 -4.84
C GLY A 77 -1.73 -20.68 -3.41
N ILE A 78 -0.87 -20.96 -2.43
CA ILE A 78 -1.26 -20.98 -1.01
C ILE A 78 -0.27 -20.13 -0.25
N THR A 79 -0.79 -19.17 0.51
CA THR A 79 0.01 -18.42 1.46
C THR A 79 -0.35 -18.91 2.88
N ARG A 80 0.65 -18.90 3.77
CA ARG A 80 0.45 -19.32 5.14
C ARG A 80 1.07 -18.29 6.06
N THR A 81 0.22 -17.69 6.88
CA THR A 81 0.60 -16.55 7.71
C THR A 81 0.23 -16.80 9.16
N GLN A 82 1.26 -16.85 10.02
CA GLN A 82 1.04 -16.92 11.46
C GLN A 82 0.54 -15.59 12.00
N THR A 83 -0.40 -15.66 12.94
CA THR A 83 -0.97 -14.48 13.55
C THR A 83 -1.11 -14.68 15.05
N SER A 84 -1.09 -13.56 15.78
CA SER A 84 -1.45 -13.56 17.21
C SER A 84 -2.95 -13.27 17.42
N VAL A 85 -3.66 -12.96 16.33
CA VAL A 85 -5.10 -12.68 16.40
C VAL A 85 -5.91 -13.97 16.67
N THR A 86 -6.89 -13.90 17.56
CA THR A 86 -7.64 -15.10 17.89
C THR A 86 -8.99 -15.20 17.18
N PHE A 87 -9.52 -14.08 16.71
CA PHE A 87 -10.71 -14.12 15.88
C PHE A 87 -10.74 -12.95 14.90
N PHE A 88 -11.45 -13.17 13.80
CA PHE A 88 -11.61 -12.15 12.79
C PHE A 88 -13.08 -11.88 12.61
N THR A 89 -13.40 -10.79 11.94
CA THR A 89 -14.81 -10.40 11.80
C THR A 89 -15.12 -9.97 10.37
N THR A 90 -16.37 -9.66 10.13
CA THR A 90 -16.77 -9.12 8.84
C THR A 90 -16.15 -7.75 8.51
N SER A 91 -15.44 -7.13 9.46
CA SER A 91 -14.74 -5.86 9.23
C SER A 91 -13.45 -6.00 8.43
N ASP A 92 -13.11 -7.23 8.03
CA ASP A 92 -12.00 -7.49 7.09
C ASP A 92 -10.59 -7.43 7.69
N GLU A 93 -10.45 -7.68 8.99
CA GLU A 93 -9.10 -7.70 9.61
C GLU A 93 -8.23 -8.79 8.97
N VAL A 94 -8.86 -9.88 8.50
CA VAL A 94 -8.11 -10.99 7.91
C VAL A 94 -7.42 -10.64 6.59
N LYS A 95 -7.85 -9.52 6.00
CA LYS A 95 -7.44 -9.19 4.64
C LYS A 95 -6.29 -8.17 4.57
N PHE A 96 -5.75 -7.81 5.74
CA PHE A 96 -4.62 -6.88 5.80
C PHE A 96 -3.53 -7.40 6.74
N ALA A 97 -2.28 -7.36 6.27
CA ALA A 97 -1.15 -7.74 7.12
C ALA A 97 -1.14 -6.94 8.43
N SER A 98 -1.52 -5.66 8.33
CA SER A 98 -1.40 -4.72 9.42
C SER A 98 -2.36 -5.03 10.58
N SER A 99 -3.45 -5.73 10.27
CA SER A 99 -4.42 -6.19 11.27
C SER A 99 -4.32 -7.68 11.57
N GLY A 100 -3.15 -8.26 11.28
CA GLY A 100 -2.83 -9.65 11.63
C GLY A 100 -3.35 -10.67 10.63
N GLY A 101 -3.67 -10.20 9.43
CA GLY A 101 -4.15 -11.09 8.36
C GLY A 101 -3.10 -11.19 7.26
N GLU A 102 -3.57 -11.26 6.02
CA GLU A 102 -2.70 -11.38 4.85
C GLU A 102 -3.30 -10.56 3.71
N ASP A 103 -2.46 -9.74 3.06
CA ASP A 103 -2.94 -8.87 1.99
C ASP A 103 -3.48 -9.66 0.81
N ALA A 104 -4.48 -9.09 0.15
CA ALA A 104 -5.02 -9.68 -1.07
C ALA A 104 -4.03 -9.65 -2.24
N TRP A 105 -4.07 -10.69 -3.05
CA TRP A 105 -3.48 -10.64 -4.38
C TRP A 105 -4.44 -9.90 -5.33
N PRO A 106 -3.95 -9.41 -6.49
CA PRO A 106 -4.78 -8.57 -7.37
C PRO A 106 -6.10 -9.25 -7.76
N ALA A 107 -7.19 -8.59 -7.40
CA ALA A 107 -8.53 -9.17 -7.51
C ALA A 107 -9.02 -9.28 -8.94
N ASP A 108 -8.34 -8.61 -9.88
CA ASP A 108 -8.73 -8.76 -11.29
C ASP A 108 -8.23 -10.07 -11.89
N ARG A 109 -7.31 -10.72 -11.17
CA ARG A 109 -6.65 -11.91 -11.72
C ARG A 109 -6.80 -13.15 -10.85
N TYR A 110 -7.09 -12.96 -9.57
CA TYR A 110 -7.22 -14.08 -8.63
C TYR A 110 -8.50 -13.98 -7.83
N LEU A 111 -9.07 -15.13 -7.49
CA LEU A 111 -10.04 -15.23 -6.40
C LEU A 111 -9.26 -15.45 -5.11
N ASN A 112 -9.31 -14.44 -4.24
CA ASN A 112 -8.72 -14.55 -2.91
C ASN A 112 -9.65 -15.29 -2.00
N ILE A 113 -9.17 -16.38 -1.40
CA ILE A 113 -9.90 -17.08 -0.32
C ILE A 113 -9.06 -17.06 0.97
N TRP A 114 -9.55 -16.39 2.01
CA TRP A 114 -8.88 -16.42 3.31
C TRP A 114 -9.50 -17.50 4.19
N VAL A 115 -8.66 -18.22 4.92
CA VAL A 115 -9.12 -19.24 5.87
C VAL A 115 -8.57 -18.89 7.24
N CYS A 116 -9.47 -18.79 8.21
CA CYS A 116 -9.07 -18.49 9.59
C CYS A 116 -9.89 -19.33 10.54
N HIS A 117 -9.56 -19.33 11.83
CA HIS A 117 -10.20 -20.28 12.74
C HIS A 117 -11.59 -19.83 13.25
N VAL A 118 -11.70 -18.55 13.59
CA VAL A 118 -12.94 -17.98 14.15
C VAL A 118 -13.34 -16.70 13.40
N LEU A 119 -14.61 -16.64 13.02
CA LEU A 119 -15.22 -15.47 12.38
C LEU A 119 -16.45 -15.09 13.13
N LYS A 120 -16.57 -13.80 13.39
CA LYS A 120 -17.76 -13.25 14.01
C LYS A 120 -18.39 -12.18 13.16
N SER A 121 -19.73 -12.08 13.23
CA SER A 121 -20.42 -10.98 12.57
C SER A 121 -20.28 -9.74 13.43
N GLU A 122 -20.80 -8.62 12.94
CA GLU A 122 -20.77 -7.35 13.66
C GLU A 122 -21.54 -7.41 14.99
N ILE A 123 -22.56 -8.26 15.07
CA ILE A 123 -23.28 -8.44 16.35
C ILE A 123 -22.68 -9.55 17.24
N GLY A 124 -21.56 -10.14 16.81
CA GLY A 124 -20.90 -11.18 17.61
C GLY A 124 -21.33 -12.63 17.39
N GLN A 125 -22.20 -12.89 16.39
CA GLN A 125 -22.60 -14.26 16.06
C GLN A 125 -21.38 -14.95 15.50
N ASP A 126 -21.13 -16.18 15.92
CA ASP A 126 -20.20 -16.98 15.16
C ASP A 126 -20.80 -17.27 13.79
N ILE A 127 -19.98 -17.09 12.76
CA ILE A 127 -20.41 -17.33 11.38
C ILE A 127 -19.38 -18.22 10.69
N LEU A 128 -19.76 -18.79 9.54
CA LEU A 128 -18.93 -19.77 8.85
C LEU A 128 -18.09 -19.14 7.75
N GLY A 129 -18.52 -17.97 7.28
CA GLY A 129 -17.92 -17.36 6.10
C GLY A 129 -18.57 -16.05 5.73
N TYR A 130 -17.90 -15.31 4.86
CA TYR A 130 -18.54 -14.12 4.29
C TYR A 130 -17.84 -13.75 3.01
N ALA A 131 -18.56 -13.03 2.16
CA ALA A 131 -18.10 -12.68 0.83
C ALA A 131 -18.11 -11.16 0.61
N GLN A 132 -17.42 -10.73 -0.43
CA GLN A 132 -17.61 -9.39 -0.94
C GLN A 132 -18.19 -9.52 -2.34
N PHE A 133 -19.31 -8.85 -2.56
CA PHE A 133 -19.96 -8.85 -3.86
C PHE A 133 -19.12 -8.08 -4.89
N PRO A 134 -19.39 -8.29 -6.19
CA PRO A 134 -18.63 -7.55 -7.22
C PRO A 134 -18.76 -6.04 -7.05
N GLY A 135 -17.76 -5.32 -7.52
CA GLY A 135 -17.78 -3.86 -7.57
C GLY A 135 -17.09 -3.17 -6.42
N GLY A 136 -16.66 -3.95 -5.42
CA GLY A 136 -16.09 -3.42 -4.16
C GLY A 136 -14.62 -3.16 -4.38
N PRO A 137 -13.92 -2.63 -3.37
CA PRO A 137 -12.49 -2.38 -3.58
C PRO A 137 -11.68 -3.68 -3.72
N ALA A 138 -10.69 -3.67 -4.60
CA ALA A 138 -9.83 -4.84 -4.82
C ALA A 138 -9.14 -5.32 -3.53
N GLU A 139 -8.83 -4.38 -2.62
CA GLU A 139 -8.12 -4.71 -1.39
C GLU A 139 -8.82 -5.75 -0.54
N THR A 140 -10.15 -5.82 -0.63
CA THR A 140 -10.88 -6.73 0.25
C THR A 140 -11.74 -7.71 -0.57
N ASP A 141 -11.46 -7.78 -1.87
CA ASP A 141 -12.25 -8.65 -2.75
C ASP A 141 -11.93 -10.11 -2.51
N GLY A 142 -12.97 -10.93 -2.42
CA GLY A 142 -12.80 -12.36 -2.23
C GLY A 142 -13.76 -12.91 -1.20
N VAL A 143 -13.41 -14.07 -0.66
CA VAL A 143 -14.25 -14.78 0.32
C VAL A 143 -13.42 -15.22 1.51
N VAL A 144 -14.08 -15.35 2.66
CA VAL A 144 -13.42 -15.80 3.89
C VAL A 144 -14.23 -16.97 4.43
N ILE A 145 -13.54 -18.05 4.80
CA ILE A 145 -14.21 -19.28 5.31
C ILE A 145 -13.46 -19.77 6.55
N VAL A 146 -14.19 -20.18 7.60
CA VAL A 146 -13.50 -20.73 8.78
C VAL A 146 -12.99 -22.15 8.47
N ASP A 147 -11.86 -22.53 9.09
CA ASP A 147 -11.20 -23.75 8.69
C ASP A 147 -12.08 -24.97 8.93
N ALA A 148 -12.89 -24.94 9.99
CA ALA A 148 -13.76 -26.10 10.30
C ALA A 148 -14.93 -26.25 9.33
N ALA A 149 -15.09 -25.28 8.42
CA ALA A 149 -16.12 -25.34 7.38
C ALA A 149 -15.48 -25.28 5.97
N PHE A 150 -14.22 -25.67 5.91
CA PHE A 150 -13.45 -25.57 4.66
C PHE A 150 -12.90 -26.93 4.29
N GLY A 151 -13.26 -27.39 3.09
CA GLY A 151 -12.78 -28.69 2.61
C GLY A 151 -13.56 -29.84 3.23
N THR A 152 -13.10 -31.05 2.93
CA THR A 152 -13.85 -32.26 3.28
C THR A 152 -13.04 -33.27 4.08
N THR A 153 -11.94 -32.80 4.67
CA THR A 153 -11.04 -33.63 5.46
C THR A 153 -10.30 -32.72 6.44
N GLY A 154 -9.33 -33.26 7.17
CA GLY A 154 -8.57 -32.39 8.10
C GLY A 154 -9.45 -31.86 9.22
N THR A 155 -9.52 -30.54 9.38
CA THR A 155 -10.29 -29.96 10.48
C THR A 155 -11.77 -29.76 10.20
N ALA A 156 -12.23 -30.08 8.99
CA ALA A 156 -13.63 -29.84 8.63
C ALA A 156 -14.55 -30.72 9.48
N LEU A 157 -15.66 -30.14 9.95
CA LEU A 157 -16.55 -30.87 10.85
C LEU A 157 -17.99 -30.83 10.36
N PRO A 158 -18.73 -31.94 10.50
CA PRO A 158 -20.15 -31.87 10.15
C PRO A 158 -20.93 -30.92 11.06
N PRO A 159 -22.01 -30.31 10.54
CA PRO A 159 -22.59 -30.58 9.20
C PRO A 159 -22.07 -29.69 8.09
N PHE A 160 -20.89 -29.11 8.28
CA PHE A 160 -20.33 -28.21 7.28
C PHE A 160 -18.99 -28.75 6.79
N ASP A 161 -19.01 -30.02 6.43
CA ASP A 161 -17.82 -30.75 6.02
C ASP A 161 -17.90 -31.28 4.58
N LYS A 162 -18.77 -30.69 3.75
CA LYS A 162 -18.84 -31.07 2.33
C LYS A 162 -18.44 -29.96 1.38
N GLY A 163 -17.82 -28.91 1.94
CA GLY A 163 -17.27 -27.83 1.12
C GLY A 163 -18.26 -26.79 0.62
N ARG A 164 -19.49 -26.82 1.15
CA ARG A 164 -20.53 -25.94 0.61
C ARG A 164 -20.48 -24.51 1.12
N THR A 165 -19.79 -24.24 2.22
CA THR A 165 -19.70 -22.84 2.67
C THR A 165 -19.00 -22.04 1.58
N ALA A 166 -17.90 -22.58 1.04
CA ALA A 166 -17.21 -21.93 -0.08
C ALA A 166 -18.08 -21.82 -1.33
N THR A 167 -18.87 -22.85 -1.65
CA THR A 167 -19.75 -22.76 -2.82
C THR A 167 -20.74 -21.60 -2.65
N HIS A 168 -21.34 -21.54 -1.47
CA HIS A 168 -22.27 -20.47 -1.12
C HIS A 168 -21.60 -19.07 -1.20
N GLU A 169 -20.47 -18.89 -0.54
CA GLU A 169 -19.77 -17.60 -0.57
C GLU A 169 -19.30 -17.19 -1.96
N ILE A 170 -18.79 -18.15 -2.74
CA ILE A 170 -18.35 -17.83 -4.11
C ILE A 170 -19.58 -17.50 -4.99
N GLY A 171 -20.72 -18.09 -4.66
CA GLY A 171 -22.00 -17.64 -5.23
C GLY A 171 -22.20 -16.11 -5.09
N HIS A 172 -21.94 -15.58 -3.89
CA HIS A 172 -22.05 -14.13 -3.63
C HIS A 172 -21.00 -13.39 -4.41
N TRP A 173 -19.78 -13.94 -4.44
CA TRP A 173 -18.67 -13.36 -5.18
C TRP A 173 -19.06 -13.17 -6.67
N LEU A 174 -19.92 -14.05 -7.18
CA LEU A 174 -20.40 -14.04 -8.56
C LEU A 174 -21.77 -13.34 -8.72
N ASN A 175 -22.17 -12.59 -7.68
CA ASN A 175 -23.32 -11.67 -7.69
C ASN A 175 -24.65 -12.37 -7.44
N LEU A 176 -24.62 -13.51 -6.76
CA LEU A 176 -25.88 -14.18 -6.33
C LEU A 176 -26.25 -13.79 -4.90
N TYR A 177 -27.54 -13.55 -4.71
CA TYR A 177 -28.07 -13.14 -3.39
C TYR A 177 -28.82 -14.27 -2.71
N HIS A 178 -28.93 -14.18 -1.39
CA HIS A 178 -29.70 -15.17 -0.63
C HIS A 178 -31.08 -15.35 -1.22
N ILE A 179 -31.50 -16.61 -1.35
CA ILE A 179 -32.75 -16.88 -2.08
C ILE A 179 -33.99 -16.27 -1.42
N TRP A 180 -33.94 -16.06 -0.10
CA TRP A 180 -35.10 -15.53 0.63
C TRP A 180 -35.23 -14.00 0.61
N GLY A 181 -34.23 -13.30 0.06
CA GLY A 181 -34.37 -11.85 -0.15
C GLY A 181 -33.81 -10.93 0.92
N ASP A 182 -33.31 -11.49 2.02
CA ASP A 182 -32.63 -10.67 3.06
C ASP A 182 -33.47 -9.55 3.70
N GLU A 183 -34.74 -9.82 4.00
CA GLU A 183 -35.55 -8.86 4.73
C GLU A 183 -34.99 -8.54 6.11
N LEU A 184 -35.19 -7.29 6.51
CA LEU A 184 -34.88 -6.84 7.86
C LEU A 184 -36.05 -7.24 8.76
N ARG A 185 -35.82 -7.28 10.08
CA ARG A 185 -36.77 -7.95 10.97
C ARG A 185 -38.16 -7.36 10.94
N PHE A 186 -38.23 -6.06 10.64
CA PHE A 186 -39.50 -5.32 10.64
C PHE A 186 -40.22 -5.36 9.29
N GLU A 187 -39.58 -5.94 8.27
CA GLU A 187 -40.16 -5.99 6.92
C GLU A 187 -41.03 -7.25 6.70
N ASP A 188 -42.00 -7.13 5.78
CA ASP A 188 -42.81 -8.27 5.34
C ASP A 188 -41.87 -9.37 4.83
N PRO A 189 -41.96 -10.59 5.39
CA PRO A 189 -41.02 -11.66 5.00
C PRO A 189 -41.11 -12.10 3.52
N CYS A 190 -42.17 -11.70 2.84
CA CYS A 190 -42.34 -12.08 1.44
C CYS A 190 -42.05 -10.94 0.46
N SER A 191 -41.47 -9.84 0.96
CA SER A 191 -41.41 -8.59 0.20
C SER A 191 -40.17 -8.39 -0.67
N ARG A 192 -39.08 -9.08 -0.33
CA ARG A 192 -37.83 -8.90 -1.09
C ARG A 192 -37.48 -10.03 -2.04
N SER A 193 -36.79 -9.66 -3.11
CA SER A 193 -36.47 -10.59 -4.19
C SER A 193 -34.97 -10.84 -4.29
N ASP A 194 -34.58 -12.04 -4.71
CA ASP A 194 -33.17 -12.32 -5.06
C ASP A 194 -32.85 -11.99 -6.54
N GLU A 195 -33.80 -11.38 -7.23
CA GLU A 195 -33.69 -10.98 -8.64
C GLU A 195 -33.50 -12.16 -9.58
N VAL A 196 -33.99 -13.32 -9.16
CA VAL A 196 -33.95 -14.52 -10.00
C VAL A 196 -35.36 -15.12 -10.12
N ASP A 197 -35.89 -15.11 -11.34
CA ASP A 197 -37.26 -15.56 -11.58
C ASP A 197 -37.48 -17.02 -11.23
N ASP A 198 -36.49 -17.86 -11.46
CA ASP A 198 -36.70 -19.30 -11.29
C ASP A 198 -36.44 -19.81 -9.87
N THR A 199 -36.07 -18.91 -8.95
CA THR A 199 -36.04 -19.28 -7.54
C THR A 199 -37.34 -18.78 -6.94
N PRO A 200 -38.17 -19.71 -6.40
CA PRO A 200 -39.46 -19.31 -5.82
C PRO A 200 -39.29 -18.26 -4.74
N ASN A 201 -40.23 -17.33 -4.68
CA ASN A 201 -40.28 -16.38 -3.58
C ASN A 201 -40.31 -17.14 -2.25
N GLN A 202 -39.52 -16.66 -1.30
CA GLN A 202 -39.28 -17.44 -0.08
C GLN A 202 -39.25 -16.49 1.11
N ALA A 203 -39.87 -16.91 2.21
CA ALA A 203 -39.94 -16.06 3.40
C ALA A 203 -38.56 -15.85 4.03
N ASP A 204 -38.06 -16.91 4.62
CA ASP A 204 -36.86 -16.84 5.48
C ASP A 204 -35.80 -17.87 5.09
N PRO A 205 -34.57 -17.74 5.63
CA PRO A 205 -33.60 -18.79 5.43
C PRO A 205 -34.08 -20.07 6.04
N ASN A 206 -33.70 -21.17 5.41
CA ASN A 206 -33.86 -22.49 5.98
C ASN A 206 -32.55 -22.99 6.53
N PHE A 207 -32.61 -23.61 7.72
CA PHE A 207 -31.43 -24.25 8.32
C PHE A 207 -31.64 -25.75 8.40
N GLY A 208 -30.57 -26.48 8.71
CA GLY A 208 -30.62 -27.93 8.79
C GLY A 208 -30.94 -28.54 7.44
N CYS A 209 -31.92 -29.44 7.41
CA CYS A 209 -32.40 -29.93 6.12
C CYS A 209 -33.89 -30.22 6.16
N PRO A 210 -34.69 -29.27 5.65
CA PRO A 210 -36.14 -29.33 5.62
C PRO A 210 -36.64 -30.54 4.84
N SER A 211 -37.82 -31.02 5.19
CA SER A 211 -38.47 -32.03 4.36
C SER A 211 -39.16 -31.34 3.18
N TYR A 212 -39.09 -31.95 2.01
CA TYR A 212 -39.79 -31.45 0.84
C TYR A 212 -41.27 -31.86 0.87
N PRO A 213 -42.20 -30.91 0.62
CA PRO A 213 -41.98 -29.47 0.37
C PRO A 213 -41.96 -28.63 1.64
N HIS A 214 -41.23 -27.52 1.60
CA HIS A 214 -41.25 -26.54 2.67
C HIS A 214 -41.82 -25.25 2.11
N VAL A 215 -43.13 -25.07 2.27
CA VAL A 215 -43.83 -23.97 1.65
C VAL A 215 -43.72 -22.66 2.47
N SER A 216 -43.58 -21.54 1.76
CA SER A 216 -43.64 -20.20 2.38
C SER A 216 -44.10 -19.20 1.33
N CYS A 217 -44.58 -18.04 1.75
CA CYS A 217 -44.98 -16.98 0.81
C CYS A 217 -45.89 -17.45 -0.34
N SER A 218 -46.84 -18.34 -0.03
CA SER A 218 -47.78 -18.84 -1.03
C SER A 218 -47.11 -19.49 -2.25
N ASN A 219 -45.94 -20.11 -2.03
CA ASN A 219 -45.21 -20.70 -3.13
C ASN A 219 -45.50 -22.18 -3.29
N GLY A 220 -46.63 -22.61 -2.73
CA GLY A 220 -47.03 -24.01 -2.81
C GLY A 220 -47.54 -24.29 -4.22
N PRO A 221 -47.60 -25.57 -4.59
CA PRO A 221 -47.33 -26.72 -3.76
C PRO A 221 -45.86 -27.12 -3.63
N ASN A 222 -45.01 -26.59 -4.50
CA ASN A 222 -43.62 -27.05 -4.53
C ASN A 222 -42.78 -26.51 -3.38
N GLY A 223 -43.06 -25.27 -2.96
CA GLY A 223 -42.39 -24.68 -1.80
C GLY A 223 -41.03 -24.07 -2.10
N ASP A 224 -40.29 -23.78 -1.02
CA ASP A 224 -38.94 -23.17 -1.10
C ASP A 224 -37.96 -24.12 -1.80
N MET A 225 -37.08 -23.54 -2.62
CA MET A 225 -35.98 -24.29 -3.20
C MET A 225 -34.83 -24.32 -2.17
N PHE A 226 -35.07 -25.01 -1.04
CA PHE A 226 -34.14 -24.92 0.09
C PHE A 226 -32.84 -25.66 -0.17
N MET A 227 -32.79 -26.46 -1.24
CA MET A 227 -31.60 -27.20 -1.64
C MET A 227 -30.72 -26.40 -2.58
N ASN A 228 -31.07 -25.13 -2.77
CA ASN A 228 -30.22 -24.20 -3.53
C ASN A 228 -29.04 -23.75 -2.66
N TYR A 229 -27.86 -23.61 -3.27
CA TYR A 229 -26.66 -23.17 -2.53
C TYR A 229 -26.80 -21.82 -1.85
N LEU A 230 -27.75 -20.99 -2.31
CA LEU A 230 -27.95 -19.66 -1.71
C LEU A 230 -28.98 -19.62 -0.57
N ASP A 231 -29.40 -20.79 -0.10
CA ASP A 231 -30.15 -20.87 1.17
C ASP A 231 -29.12 -21.12 2.30
N TYR A 232 -29.57 -21.50 3.49
CA TYR A 232 -28.67 -21.64 4.63
C TYR A 232 -28.66 -23.07 5.18
N VAL A 233 -29.15 -24.02 4.38
CA VAL A 233 -29.22 -25.41 4.83
C VAL A 233 -27.82 -26.02 5.01
N ASP A 234 -27.76 -27.16 5.71
CA ASP A 234 -26.54 -27.92 5.94
C ASP A 234 -25.89 -28.33 4.61
N ASP A 235 -24.58 -28.56 4.61
CA ASP A 235 -23.83 -28.85 3.37
C ASP A 235 -24.46 -29.97 2.55
N LYS A 236 -24.87 -31.05 3.21
CA LYS A 236 -25.37 -32.22 2.48
C LYS A 236 -26.73 -31.98 1.85
N CYS A 237 -27.38 -30.86 2.21
CA CYS A 237 -28.76 -30.57 1.85
C CYS A 237 -28.84 -29.57 0.68
N MET A 238 -27.75 -28.87 0.39
CA MET A 238 -27.71 -27.90 -0.74
C MET A 238 -26.82 -28.45 -1.85
N VAL A 239 -27.36 -28.50 -3.07
CA VAL A 239 -26.81 -29.33 -4.12
C VAL A 239 -26.96 -28.72 -5.52
N MET A 240 -27.47 -27.49 -5.63
CA MET A 240 -27.72 -26.93 -6.96
C MET A 240 -27.73 -25.42 -7.06
N PHE A 241 -27.37 -24.94 -8.24
CA PHE A 241 -27.67 -23.59 -8.71
C PHE A 241 -28.73 -23.73 -9.78
N THR A 242 -29.50 -22.67 -10.00
CA THR A 242 -30.49 -22.65 -11.07
C THR A 242 -29.94 -21.95 -12.32
N GLN A 243 -30.58 -22.24 -13.45
CA GLN A 243 -30.29 -21.54 -14.69
C GLN A 243 -30.49 -20.02 -14.58
N GLY A 244 -31.50 -19.57 -13.83
CA GLY A 244 -31.70 -18.14 -13.60
C GLY A 244 -30.52 -17.53 -12.86
N GLN A 245 -29.97 -18.28 -11.91
CA GLN A 245 -28.76 -17.81 -11.22
C GLN A 245 -27.57 -17.78 -12.18
N ALA A 246 -27.49 -18.75 -13.07
CA ALA A 246 -26.42 -18.76 -14.08
C ALA A 246 -26.46 -17.50 -14.94
N THR A 247 -27.66 -17.03 -15.25
CA THR A 247 -27.79 -15.78 -16.01
C THR A 247 -27.10 -14.60 -15.30
N ARG A 248 -27.30 -14.49 -13.98
CA ARG A 248 -26.67 -13.45 -13.17
C ARG A 248 -25.16 -13.64 -13.10
N VAL A 249 -24.74 -14.89 -12.90
CA VAL A 249 -23.30 -15.21 -12.87
C VAL A 249 -22.68 -14.82 -14.21
N ASN A 250 -23.38 -15.14 -15.30
CA ASN A 250 -22.87 -14.78 -16.63
C ASN A 250 -22.72 -13.29 -16.84
N ALA A 251 -23.69 -12.53 -16.34
CA ALA A 251 -23.62 -11.07 -16.40
C ALA A 251 -22.42 -10.56 -15.61
N CYS A 252 -22.15 -11.19 -14.47
CA CYS A 252 -21.02 -10.83 -13.62
C CYS A 252 -19.70 -11.04 -14.38
N LEU A 253 -19.56 -12.21 -14.99
CA LEU A 253 -18.36 -12.58 -15.73
C LEU A 253 -18.17 -11.71 -16.97
N ASP A 254 -19.27 -11.25 -17.55
CA ASP A 254 -19.20 -10.45 -18.79
C ASP A 254 -18.91 -8.98 -18.48
N GLY A 255 -19.21 -8.56 -17.26
CA GLY A 255 -19.10 -7.18 -16.85
C GLY A 255 -17.99 -6.98 -15.83
N PRO A 256 -18.36 -6.86 -14.56
CA PRO A 256 -17.41 -6.47 -13.50
C PRO A 256 -16.24 -7.44 -13.33
N ARG A 257 -16.42 -8.71 -13.67
CA ARG A 257 -15.34 -9.71 -13.53
C ARG A 257 -14.82 -10.23 -14.88
N SER A 258 -15.04 -9.42 -15.93
CA SER A 258 -14.61 -9.76 -17.29
C SER A 258 -13.10 -9.96 -17.42
N SER A 259 -12.34 -9.39 -16.49
CA SER A 259 -10.88 -9.59 -16.43
C SER A 259 -10.47 -11.08 -16.30
N PHE A 260 -11.39 -11.93 -15.82
CA PHE A 260 -11.11 -13.36 -15.70
C PHE A 260 -11.31 -14.15 -16.97
N LEU A 261 -11.90 -13.51 -17.98
CA LEU A 261 -12.18 -14.19 -19.24
C LEU A 261 -10.92 -14.34 -20.05
N ALA A 262 -10.86 -15.42 -20.82
CA ALA A 262 -9.72 -15.69 -21.71
C ALA A 262 -9.65 -14.66 -22.84
N ARG B 1 33.05 -45.00 -0.29
CA ARG B 1 31.82 -44.43 -0.89
C ARG B 1 31.45 -43.13 -0.18
N MET B 2 31.12 -42.11 -0.96
CA MET B 2 30.75 -40.82 -0.42
C MET B 2 29.28 -40.84 -0.02
N GLU B 3 28.99 -40.33 1.17
CA GLU B 3 27.64 -40.08 1.61
C GLU B 3 27.23 -38.71 1.04
N ILE B 4 26.29 -38.69 0.08
CA ILE B 4 25.84 -37.41 -0.50
C ILE B 4 24.84 -36.74 0.44
N VAL B 5 25.23 -35.62 1.00
CA VAL B 5 24.41 -34.87 1.94
C VAL B 5 23.60 -33.90 1.11
N LYS B 6 22.27 -34.00 1.22
CA LYS B 6 21.37 -33.20 0.41
C LYS B 6 20.73 -32.10 1.24
N ILE B 7 21.07 -30.86 0.91
CA ILE B 7 20.73 -29.71 1.73
C ILE B 7 19.53 -29.02 1.09
N PRO B 8 18.41 -28.94 1.84
CA PRO B 8 17.26 -28.14 1.36
C PRO B 8 17.58 -26.67 1.47
N VAL B 9 17.29 -25.94 0.40
CA VAL B 9 17.54 -24.51 0.34
C VAL B 9 16.22 -23.77 0.26
N VAL B 10 16.10 -22.69 1.01
CA VAL B 10 15.05 -21.69 0.75
C VAL B 10 15.74 -20.40 0.31
N VAL B 11 15.30 -19.86 -0.83
CA VAL B 11 15.84 -18.61 -1.34
C VAL B 11 14.85 -17.53 -1.03
N HIS B 12 15.28 -16.54 -0.24
CA HIS B 12 14.44 -15.38 0.07
C HIS B 12 14.82 -14.20 -0.82
N VAL B 13 14.02 -13.98 -1.87
CA VAL B 13 14.22 -12.81 -2.73
C VAL B 13 13.56 -11.61 -2.06
N VAL B 14 14.35 -10.57 -1.84
CA VAL B 14 13.89 -9.35 -1.20
C VAL B 14 14.09 -8.25 -2.21
N TRP B 15 12.98 -7.67 -2.68
CA TRP B 15 13.04 -6.82 -3.88
C TRP B 15 12.33 -5.49 -3.65
N ASN B 16 12.93 -4.43 -4.18
CA ASN B 16 12.33 -3.10 -4.11
C ASN B 16 11.74 -2.73 -5.47
N GLU B 17 12.60 -2.65 -6.48
CA GLU B 17 12.19 -2.45 -7.86
C GLU B 17 11.91 -3.82 -8.48
N GLU B 18 10.95 -3.87 -9.41
CA GLU B 18 10.52 -5.12 -10.08
C GLU B 18 11.66 -5.98 -10.59
N GLU B 19 12.66 -5.34 -11.18
CA GLU B 19 13.78 -6.02 -11.82
C GLU B 19 14.61 -6.80 -10.79
N GLU B 20 14.46 -6.44 -9.53
CA GLU B 20 15.17 -7.10 -8.43
C GLU B 20 14.49 -8.41 -8.02
N ASN B 21 13.25 -8.62 -8.50
CA ASN B 21 12.48 -9.80 -8.15
C ASN B 21 12.85 -10.90 -9.12
N ILE B 22 14.03 -11.49 -8.91
CA ILE B 22 14.68 -12.26 -9.95
C ILE B 22 13.93 -13.52 -10.36
N SER B 23 14.10 -13.93 -11.61
CA SER B 23 13.35 -15.04 -12.15
C SER B 23 13.64 -16.38 -11.47
N ASP B 24 12.67 -17.28 -11.55
CA ASP B 24 12.84 -18.66 -11.15
C ASP B 24 14.04 -19.29 -11.86
N ALA B 25 14.18 -18.97 -13.16
CA ALA B 25 15.30 -19.53 -13.94
C ALA B 25 16.65 -19.07 -13.40
N GLN B 26 16.74 -17.78 -13.03
CA GLN B 26 18.01 -17.26 -12.46
C GLN B 26 18.34 -17.99 -11.16
N ILE B 27 17.33 -18.17 -10.30
CA ILE B 27 17.52 -18.89 -9.03
C ILE B 27 17.92 -20.36 -9.28
N GLN B 28 17.17 -21.05 -10.13
CA GLN B 28 17.53 -22.44 -10.47
C GLN B 28 18.95 -22.53 -11.04
N SER B 29 19.36 -21.53 -11.81
CA SER B 29 20.72 -21.57 -12.39
C SER B 29 21.78 -21.61 -11.29
N GLN B 30 21.50 -20.93 -10.18
CA GLN B 30 22.46 -20.95 -9.06
C GLN B 30 22.52 -22.32 -8.41
N ILE B 31 21.35 -22.91 -8.15
CA ILE B 31 21.29 -24.26 -7.59
C ILE B 31 22.09 -25.23 -8.48
N ASP B 32 21.93 -25.11 -9.79
CA ASP B 32 22.65 -25.95 -10.73
C ASP B 32 24.17 -25.84 -10.57
N ILE B 33 24.66 -24.61 -10.41
CA ILE B 33 26.10 -24.39 -10.16
C ILE B 33 26.58 -25.04 -8.86
N LEU B 34 25.81 -24.87 -7.78
CA LEU B 34 26.20 -25.46 -6.51
C LEU B 34 26.34 -26.97 -6.66
N ASN B 35 25.43 -27.56 -7.42
CA ASN B 35 25.47 -29.00 -7.62
C ASN B 35 26.61 -29.54 -8.49
N LYS B 36 27.25 -28.63 -9.22
CA LYS B 36 28.52 -28.93 -9.89
C LYS B 36 29.72 -28.68 -8.98
N ASP B 37 29.81 -27.48 -8.42
CA ASP B 37 31.01 -27.08 -7.63
C ASP B 37 31.20 -27.97 -6.39
N PHE B 38 30.10 -28.35 -5.74
CA PHE B 38 30.16 -29.13 -4.49
C PHE B 38 30.29 -30.64 -4.71
N ARG B 39 30.38 -31.02 -5.99
CA ARG B 39 30.59 -32.43 -6.39
C ARG B 39 31.82 -32.61 -7.32
N LYS B 40 32.61 -31.56 -7.50
CA LYS B 40 33.78 -31.59 -8.42
C LYS B 40 33.31 -32.00 -9.82
N LEU B 41 32.13 -31.50 -10.21
CA LEU B 41 31.58 -31.77 -11.54
C LEU B 41 31.61 -30.56 -12.47
N ASN B 42 32.14 -29.44 -11.97
CA ASN B 42 32.34 -28.25 -12.79
C ASN B 42 33.39 -28.53 -13.87
N SER B 43 33.03 -28.28 -15.12
CA SER B 43 33.98 -28.50 -16.25
C SER B 43 35.30 -27.80 -16.03
N ASP B 44 35.23 -26.57 -15.50
CA ASP B 44 36.43 -25.74 -15.34
C ASP B 44 37.42 -26.16 -14.25
N VAL B 45 37.11 -27.26 -13.55
CA VAL B 45 38.07 -27.87 -12.64
C VAL B 45 39.36 -28.22 -13.42
N SER B 46 39.25 -28.37 -14.74
CA SER B 46 40.42 -28.63 -15.61
C SER B 46 41.46 -27.49 -15.60
N GLN B 47 41.07 -26.33 -15.07
CA GLN B 47 41.97 -25.17 -14.96
C GLN B 47 42.94 -25.26 -13.79
N VAL B 48 42.70 -26.16 -12.85
CA VAL B 48 43.60 -26.27 -11.69
C VAL B 48 44.99 -26.68 -12.18
N PRO B 49 46.04 -25.96 -11.75
CA PRO B 49 47.39 -26.42 -12.04
C PRO B 49 47.55 -27.91 -11.70
N SER B 50 48.16 -28.68 -12.60
CA SER B 50 48.25 -30.13 -12.38
C SER B 50 49.04 -30.54 -11.13
N VAL B 51 49.93 -29.69 -10.64
CA VAL B 51 50.67 -29.97 -9.40
C VAL B 51 49.70 -30.21 -8.23
N TRP B 52 48.50 -29.63 -8.33
CA TRP B 52 47.47 -29.76 -7.30
C TRP B 52 46.29 -30.63 -7.69
N SER B 53 46.33 -31.30 -8.84
CA SER B 53 45.22 -32.19 -9.22
C SER B 53 44.86 -33.16 -8.11
N ASN B 54 45.85 -33.73 -7.44
CA ASN B 54 45.56 -34.76 -6.46
C ASN B 54 44.92 -34.27 -5.16
N LEU B 55 44.83 -32.95 -5.00
CA LEU B 55 44.21 -32.31 -3.82
C LEU B 55 42.76 -31.88 -4.05
N ILE B 56 42.30 -31.91 -5.30
CA ILE B 56 40.96 -31.34 -5.64
C ILE B 56 39.89 -32.24 -5.03
N ALA B 57 38.92 -31.62 -4.36
CA ALA B 57 37.94 -32.37 -3.58
C ALA B 57 36.54 -32.37 -4.18
N ASP B 58 35.88 -33.52 -4.02
CA ASP B 58 34.45 -33.68 -4.18
C ASP B 58 33.88 -33.57 -2.76
N LEU B 59 33.21 -32.46 -2.45
CA LEU B 59 32.69 -32.27 -1.09
C LEU B 59 31.49 -33.17 -0.77
N GLY B 60 30.85 -33.72 -1.80
CA GLY B 60 29.79 -34.70 -1.58
C GLY B 60 28.53 -34.05 -1.02
N ILE B 61 28.30 -32.81 -1.42
CA ILE B 61 27.10 -32.09 -1.00
C ILE B 61 26.27 -31.69 -2.23
N GLU B 62 24.96 -31.90 -2.15
CA GLU B 62 24.04 -31.43 -3.19
C GLU B 62 22.95 -30.58 -2.57
N PHE B 63 22.30 -29.77 -3.40
CA PHE B 63 21.34 -28.79 -2.90
C PHE B 63 20.07 -28.90 -3.69
N PHE B 64 18.94 -28.59 -3.05
CA PHE B 64 17.69 -28.52 -3.78
C PHE B 64 16.79 -27.47 -3.15
N LEU B 65 15.99 -26.81 -3.98
CA LEU B 65 14.95 -25.92 -3.45
C LEU B 65 13.98 -26.76 -2.64
N ALA B 66 13.76 -26.33 -1.39
CA ALA B 66 12.93 -27.08 -0.46
C ALA B 66 11.57 -27.40 -1.09
N THR B 67 11.07 -28.60 -0.80
CA THR B 67 9.75 -29.01 -1.25
C THR B 67 8.73 -29.00 -0.12
N LYS B 68 9.19 -28.92 1.14
CA LYS B 68 8.28 -28.77 2.27
C LYS B 68 8.68 -27.53 3.05
N ASP B 69 7.69 -26.76 3.45
CA ASP B 69 7.93 -25.60 4.31
C ASP B 69 8.20 -26.01 5.77
N PRO B 70 8.49 -25.04 6.67
CA PRO B 70 8.88 -25.44 8.03
C PRO B 70 7.82 -26.23 8.79
N ASN B 71 6.57 -26.13 8.34
CA ASN B 71 5.44 -26.87 8.94
C ASN B 71 4.94 -28.05 8.12
N GLY B 72 5.74 -28.47 7.14
CA GLY B 72 5.50 -29.69 6.38
C GLY B 72 4.61 -29.52 5.16
N ASN B 73 4.30 -28.27 4.81
CA ASN B 73 3.41 -27.98 3.67
C ASN B 73 4.18 -27.78 2.37
N GLN B 74 3.51 -28.08 1.24
CA GLN B 74 4.13 -27.91 -0.07
C GLN B 74 4.63 -26.46 -0.23
N THR B 75 5.82 -26.32 -0.82
CA THR B 75 6.42 -25.01 -1.09
C THR B 75 7.23 -25.06 -2.36
N THR B 76 7.48 -23.90 -2.95
CA THR B 76 8.43 -23.78 -4.07
C THR B 76 9.86 -23.71 -3.56
N GLY B 77 10.02 -23.45 -2.25
CA GLY B 77 11.35 -23.19 -1.67
C GLY B 77 11.88 -21.80 -2.01
N ILE B 78 11.01 -20.93 -2.53
CA ILE B 78 11.37 -19.55 -2.81
C ILE B 78 10.36 -18.65 -2.09
N THR B 79 10.87 -17.69 -1.32
CA THR B 79 10.00 -16.61 -0.81
C THR B 79 10.30 -15.34 -1.57
N ARG B 80 9.29 -14.48 -1.74
CA ARG B 80 9.47 -13.22 -2.45
C ARG B 80 8.81 -12.12 -1.65
N THR B 81 9.60 -11.14 -1.23
CA THR B 81 9.14 -10.14 -0.30
C THR B 81 9.50 -8.75 -0.83
N GLN B 82 8.46 -7.94 -1.07
CA GLN B 82 8.68 -6.58 -1.50
C GLN B 82 9.15 -5.74 -0.33
N THR B 83 10.05 -4.83 -0.62
CA THR B 83 10.61 -3.95 0.42
C THR B 83 10.72 -2.51 -0.06
N SER B 84 10.69 -1.58 0.89
CA SER B 84 11.00 -0.16 0.61
C SER B 84 12.46 0.16 0.86
N VAL B 85 13.20 -0.83 1.39
CA VAL B 85 14.64 -0.68 1.67
C VAL B 85 15.43 -0.64 0.36
N THR B 86 16.41 0.26 0.28
CA THR B 86 17.20 0.38 -0.93
C THR B 86 18.56 -0.30 -0.86
N PHE B 87 19.07 -0.55 0.35
CA PHE B 87 20.28 -1.35 0.50
C PHE B 87 20.29 -2.02 1.86
N PHE B 88 20.98 -3.15 1.89
CA PHE B 88 21.13 -3.95 3.10
C PHE B 88 22.60 -4.01 3.42
N THR B 89 22.92 -4.41 4.64
CA THR B 89 24.32 -4.44 5.06
C THR B 89 24.62 -5.70 5.83
N THR B 90 25.89 -5.83 6.23
CA THR B 90 26.29 -6.99 7.04
C THR B 90 25.61 -7.06 8.42
N SER B 91 24.83 -6.02 8.78
CA SER B 91 24.09 -5.98 10.04
C SER B 91 22.83 -6.86 10.05
N ASP B 92 22.52 -7.54 8.94
CA ASP B 92 21.46 -8.55 8.86
C ASP B 92 20.04 -7.98 8.76
N GLU B 93 19.92 -6.74 8.30
CA GLU B 93 18.56 -6.19 8.09
C GLU B 93 17.74 -7.07 7.13
N VAL B 94 18.42 -7.74 6.20
CA VAL B 94 17.70 -8.53 5.18
C VAL B 94 17.05 -9.76 5.82
N LYS B 95 17.48 -10.09 7.03
CA LYS B 95 17.08 -11.36 7.66
C LYS B 95 15.90 -11.23 8.62
N PHE B 96 15.30 -10.04 8.70
CA PHE B 96 14.14 -9.86 9.56
C PHE B 96 13.07 -9.10 8.79
N ALA B 97 11.82 -9.58 8.86
CA ALA B 97 10.67 -8.82 8.34
C ALA B 97 10.61 -7.39 8.88
N SER B 98 10.92 -7.25 10.18
CA SER B 98 10.87 -5.98 10.87
C SER B 98 11.72 -4.88 10.27
N SER B 99 12.83 -5.27 9.64
CA SER B 99 13.80 -4.34 9.08
C SER B 99 13.73 -4.33 7.56
N GLY B 100 12.59 -4.77 7.02
CA GLY B 100 12.34 -4.72 5.58
C GLY B 100 12.90 -5.91 4.82
N GLY B 101 13.23 -6.98 5.55
CA GLY B 101 13.73 -8.21 4.92
C GLY B 101 12.73 -9.33 5.07
N GLU B 102 13.24 -10.54 5.27
CA GLU B 102 12.38 -11.73 5.38
C GLU B 102 12.98 -12.67 6.44
N ASP B 103 12.15 -13.17 7.36
CA ASP B 103 12.65 -14.01 8.46
C ASP B 103 13.25 -15.32 7.96
N ALA B 104 14.24 -15.81 8.69
CA ALA B 104 14.85 -17.11 8.39
C ALA B 104 13.87 -18.26 8.64
N TRP B 105 13.96 -19.28 7.80
CA TRP B 105 13.39 -20.61 8.09
C TRP B 105 14.37 -21.34 9.03
N PRO B 106 13.89 -22.40 9.74
CA PRO B 106 14.75 -23.05 10.76
C PRO B 106 16.08 -23.55 10.21
N ALA B 107 17.15 -23.05 10.82
CA ALA B 107 18.51 -23.22 10.32
C ALA B 107 19.00 -24.66 10.50
N ASP B 108 18.30 -25.45 11.30
CA ASP B 108 18.71 -26.84 11.47
C ASP B 108 18.18 -27.71 10.33
N ARG B 109 17.24 -27.18 9.53
CA ARG B 109 16.63 -27.96 8.45
C ARG B 109 16.81 -27.36 7.06
N TYR B 110 17.16 -26.06 6.99
CA TYR B 110 17.30 -25.38 5.70
C TYR B 110 18.54 -24.54 5.67
N LEU B 111 19.13 -24.44 4.48
CA LEU B 111 20.12 -23.38 4.19
C LEU B 111 19.32 -22.18 3.69
N ASN B 112 19.30 -21.10 4.47
CA ASN B 112 18.67 -19.84 4.06
C ASN B 112 19.59 -19.06 3.13
N ILE B 113 19.13 -18.75 1.92
CA ILE B 113 19.86 -17.82 1.04
C ILE B 113 19.00 -16.61 0.80
N TRP B 114 19.45 -15.45 1.25
CA TRP B 114 18.78 -14.19 0.90
C TRP B 114 19.42 -13.57 -0.31
N VAL B 115 18.60 -12.98 -1.17
CA VAL B 115 19.07 -12.30 -2.36
C VAL B 115 18.48 -10.88 -2.34
N CYS B 116 19.35 -9.88 -2.41
CA CYS B 116 18.88 -8.51 -2.45
C CYS B 116 19.70 -7.74 -3.48
N HIS B 117 19.35 -6.49 -3.73
CA HIS B 117 19.96 -5.77 -4.84
C HIS B 117 21.29 -5.11 -4.50
N VAL B 118 21.36 -4.48 -3.33
CA VAL B 118 22.56 -3.75 -2.92
C VAL B 118 22.97 -4.23 -1.54
N LEU B 119 24.25 -4.56 -1.37
CA LEU B 119 24.80 -4.97 -0.10
C LEU B 119 26.04 -4.16 0.22
N LYS B 120 26.11 -3.63 1.44
CA LYS B 120 27.26 -2.86 1.88
C LYS B 120 27.89 -3.45 3.13
N SER B 121 29.19 -3.31 3.26
CA SER B 121 29.86 -3.66 4.51
C SER B 121 29.63 -2.55 5.52
N GLU B 122 30.06 -2.77 6.76
CA GLU B 122 29.94 -1.77 7.82
C GLU B 122 30.64 -0.46 7.47
N ILE B 123 31.78 -0.55 6.78
CA ILE B 123 32.51 0.64 6.34
C ILE B 123 31.98 1.23 5.03
N GLY B 124 30.96 0.59 4.46
CA GLY B 124 30.24 1.16 3.32
C GLY B 124 30.65 0.73 1.94
N GLN B 125 31.58 -0.23 1.82
CA GLN B 125 31.98 -0.81 0.52
C GLN B 125 30.83 -1.62 -0.04
N ASP B 126 30.61 -1.56 -1.35
CA ASP B 126 29.71 -2.52 -2.00
C ASP B 126 30.39 -3.88 -1.93
N ILE B 127 29.64 -4.88 -1.51
CA ILE B 127 30.14 -6.23 -1.45
C ILE B 127 29.16 -7.12 -2.18
N LEU B 128 29.60 -8.34 -2.49
CA LEU B 128 28.78 -9.26 -3.30
C LEU B 128 27.97 -10.24 -2.47
N GLY B 129 28.38 -10.45 -1.23
CA GLY B 129 27.73 -11.46 -0.40
C GLY B 129 28.36 -11.50 0.96
N TYR B 130 27.71 -12.20 1.89
CA TYR B 130 28.32 -12.48 3.18
C TYR B 130 27.62 -13.68 3.79
N ALA B 131 28.31 -14.31 4.72
CA ALA B 131 27.88 -15.57 5.34
C ALA B 131 27.86 -15.45 6.85
N GLN B 132 27.16 -16.40 7.46
CA GLN B 132 27.31 -16.62 8.90
C GLN B 132 27.92 -18.00 9.08
N PHE B 133 29.04 -18.04 9.82
CA PHE B 133 29.69 -19.31 10.14
C PHE B 133 28.86 -20.17 11.11
N PRO B 134 29.16 -21.50 11.20
CA PRO B 134 28.36 -22.31 12.11
C PRO B 134 28.48 -21.85 13.55
N GLY B 135 27.47 -22.18 14.35
CA GLY B 135 27.48 -21.87 15.76
C GLY B 135 26.77 -20.59 16.18
N GLY B 136 26.41 -19.76 15.19
CA GLY B 136 25.69 -18.47 15.45
C GLY B 136 24.22 -18.72 15.67
N PRO B 137 23.46 -17.65 15.88
CA PRO B 137 22.04 -17.84 16.16
C PRO B 137 21.26 -18.25 14.91
N ALA B 138 20.26 -19.12 15.09
CA ALA B 138 19.43 -19.61 13.99
C ALA B 138 18.77 -18.47 13.22
N GLU B 139 18.41 -17.41 13.94
CA GLU B 139 17.66 -16.29 13.36
C GLU B 139 18.37 -15.67 12.14
N THR B 140 19.69 -15.76 12.12
CA THR B 140 20.47 -15.10 11.05
C THR B 140 21.41 -16.06 10.31
N ASP B 141 21.18 -17.36 10.50
CA ASP B 141 22.02 -18.36 9.86
C ASP B 141 21.74 -18.45 8.37
N GLY B 142 22.81 -18.54 7.60
CA GLY B 142 22.71 -18.67 6.14
C GLY B 142 23.63 -17.72 5.41
N VAL B 143 23.28 -17.43 4.16
CA VAL B 143 24.14 -16.60 3.30
C VAL B 143 23.31 -15.55 2.58
N VAL B 144 23.95 -14.44 2.22
CA VAL B 144 23.27 -13.35 1.49
C VAL B 144 24.11 -13.07 0.24
N ILE B 145 23.45 -12.96 -0.92
CA ILE B 145 24.14 -12.68 -2.21
C ILE B 145 23.39 -11.58 -2.97
N VAL B 146 24.11 -10.64 -3.55
CA VAL B 146 23.43 -9.62 -4.38
C VAL B 146 22.94 -10.25 -5.68
N ASP B 147 21.82 -9.77 -6.19
CA ASP B 147 21.20 -10.43 -7.35
C ASP B 147 22.11 -10.44 -8.56
N ALA B 148 22.91 -9.38 -8.74
CA ALA B 148 23.85 -9.29 -9.89
C ALA B 148 25.01 -10.29 -9.81
N ALA B 149 25.13 -10.97 -8.67
CA ALA B 149 26.19 -11.98 -8.45
C ALA B 149 25.55 -13.34 -8.13
N PHE B 150 24.29 -13.50 -8.52
CA PHE B 150 23.54 -14.72 -8.17
C PHE B 150 23.07 -15.40 -9.45
N GLY B 151 23.43 -16.67 -9.61
CA GLY B 151 23.02 -17.41 -10.81
C GLY B 151 23.81 -16.98 -12.05
N THR B 152 23.40 -17.50 -13.20
CA THR B 152 24.22 -17.37 -14.40
C THR B 152 23.44 -16.78 -15.59
N THR B 153 22.25 -16.28 -15.31
CA THR B 153 21.38 -15.68 -16.31
C THR B 153 20.64 -14.52 -15.66
N GLY B 154 19.69 -13.93 -16.36
CA GLY B 154 18.90 -12.86 -15.75
C GLY B 154 19.77 -11.65 -15.47
N THR B 155 19.80 -11.22 -14.19
CA THR B 155 20.51 -9.98 -13.82
C THR B 155 22.00 -10.18 -13.52
N ALA B 156 22.45 -11.42 -13.54
CA ALA B 156 23.84 -11.73 -13.20
C ALA B 156 24.77 -11.04 -14.20
N LEU B 157 25.83 -10.43 -13.68
CA LEU B 157 26.79 -9.65 -14.48
C LEU B 157 28.22 -10.15 -14.35
N PRO B 158 28.94 -10.23 -15.47
CA PRO B 158 30.36 -10.55 -15.36
C PRO B 158 31.08 -9.44 -14.57
N PRO B 159 32.15 -9.78 -13.84
CA PRO B 159 32.79 -11.10 -13.82
C PRO B 159 32.24 -12.01 -12.74
N PHE B 160 31.07 -11.69 -12.20
CA PHE B 160 30.49 -12.50 -11.12
C PHE B 160 29.21 -13.15 -11.57
N ASP B 161 29.29 -13.80 -12.73
CA ASP B 161 28.12 -14.36 -13.42
C ASP B 161 28.19 -15.87 -13.63
N LYS B 162 29.06 -16.54 -12.86
CA LYS B 162 29.19 -17.99 -12.92
C LYS B 162 28.77 -18.68 -11.63
N GLY B 163 28.11 -17.94 -10.75
CA GLY B 163 27.53 -18.55 -9.53
C GLY B 163 28.51 -18.79 -8.39
N ARG B 164 29.71 -18.22 -8.50
CA ARG B 164 30.75 -18.55 -7.51
C ARG B 164 30.66 -17.77 -6.20
N THR B 165 29.98 -16.62 -6.18
CA THR B 165 29.81 -15.92 -4.90
C THR B 165 29.10 -16.82 -3.90
N ALA B 166 28.04 -17.51 -4.37
CA ALA B 166 27.32 -18.46 -3.51
C ALA B 166 28.18 -19.67 -3.10
N THR B 167 28.98 -20.21 -4.03
CA THR B 167 29.92 -21.29 -3.69
C THR B 167 30.87 -20.83 -2.57
N HIS B 168 31.45 -19.64 -2.74
CA HIS B 168 32.35 -19.03 -1.75
C HIS B 168 31.65 -18.83 -0.39
N GLU B 169 30.48 -18.19 -0.37
CA GLU B 169 29.78 -17.97 0.90
C GLU B 169 29.30 -19.25 1.55
N ILE B 170 28.82 -20.20 0.77
CA ILE B 170 28.41 -21.50 1.33
C ILE B 170 29.63 -22.25 1.91
N GLY B 171 30.81 -22.03 1.31
CA GLY B 171 32.06 -22.50 1.95
C GLY B 171 32.20 -21.98 3.38
N HIS B 172 31.93 -20.69 3.60
CA HIS B 172 31.95 -20.10 4.96
C HIS B 172 30.88 -20.79 5.83
N TRP B 173 29.68 -20.98 5.27
CA TRP B 173 28.58 -21.60 5.97
C TRP B 173 28.98 -23.00 6.47
N LEU B 174 29.86 -23.65 5.72
CA LEU B 174 30.41 -24.97 6.06
C LEU B 174 31.74 -24.95 6.82
N ASN B 175 32.10 -23.75 7.33
CA ASN B 175 33.23 -23.55 8.23
C ASN B 175 34.58 -23.40 7.54
N LEU B 176 34.56 -22.98 6.27
CA LEU B 176 35.83 -22.67 5.58
C LEU B 176 36.14 -21.19 5.66
N TYR B 177 37.41 -20.88 5.90
CA TYR B 177 37.85 -19.50 6.03
C TYR B 177 38.65 -19.05 4.81
N HIS B 178 38.73 -17.75 4.60
CA HIS B 178 39.53 -17.19 3.51
C HIS B 178 40.93 -17.78 3.53
N ILE B 179 41.38 -18.17 2.34
CA ILE B 179 42.63 -18.90 2.22
C ILE B 179 43.84 -18.08 2.71
N TRP B 180 43.78 -16.75 2.61
CA TRP B 180 44.91 -15.93 3.04
C TRP B 180 44.98 -15.65 4.55
N GLY B 181 43.94 -16.04 5.30
CA GLY B 181 43.96 -15.92 6.78
C GLY B 181 43.44 -14.64 7.42
N ASP B 182 43.02 -13.65 6.63
CA ASP B 182 42.26 -12.49 7.16
C ASP B 182 43.05 -11.66 8.17
N GLU B 183 44.32 -11.43 7.90
CA GLU B 183 45.09 -10.53 8.75
C GLU B 183 44.49 -9.13 8.73
N LEU B 184 44.63 -8.46 9.86
CA LEU B 184 44.30 -7.03 9.94
C LEU B 184 45.47 -6.22 9.40
N ARG B 185 45.22 -4.96 9.00
CA ARG B 185 46.21 -4.20 8.20
C ARG B 185 47.56 -4.05 8.89
N PHE B 186 47.56 -4.07 10.21
CA PHE B 186 48.80 -3.86 10.95
C PHE B 186 49.58 -5.15 11.23
N GLU B 187 48.98 -6.30 10.90
CA GLU B 187 49.58 -7.61 11.17
C GLU B 187 50.47 -8.08 10.03
N ASP B 188 51.44 -8.93 10.37
CA ASP B 188 52.31 -9.58 9.38
C ASP B 188 51.40 -10.34 8.40
N PRO B 189 51.52 -10.09 7.08
CA PRO B 189 50.61 -10.74 6.11
C PRO B 189 50.76 -12.26 6.01
N CYS B 190 51.80 -12.83 6.61
CA CYS B 190 51.99 -14.28 6.55
C CYS B 190 51.67 -14.98 7.85
N SER B 191 51.05 -14.25 8.78
CA SER B 191 50.94 -14.75 10.15
C SER B 191 49.69 -15.55 10.51
N ARG B 192 48.60 -15.35 9.78
CA ARG B 192 47.35 -16.04 10.12
C ARG B 192 47.08 -17.21 9.19
N SER B 193 46.32 -18.16 9.70
CA SER B 193 46.09 -19.42 9.02
C SER B 193 44.61 -19.63 8.76
N ASP B 194 44.32 -20.35 7.67
CA ASP B 194 42.94 -20.81 7.40
C ASP B 194 42.67 -22.20 8.01
N GLU B 195 43.64 -22.70 8.79
CA GLU B 195 43.55 -23.98 9.50
C GLU B 195 43.46 -25.17 8.57
N VAL B 196 43.93 -24.99 7.35
CA VAL B 196 43.96 -26.08 6.37
C VAL B 196 45.39 -26.27 5.88
N ASP B 197 45.96 -27.43 6.16
CA ASP B 197 47.36 -27.67 5.80
C ASP B 197 47.60 -27.65 4.29
N ASP B 198 46.68 -28.17 3.50
CA ASP B 198 46.95 -28.32 2.07
C ASP B 198 46.66 -27.07 1.23
N THR B 199 46.19 -25.99 1.87
CA THR B 199 46.15 -24.70 1.20
C THR B 199 47.44 -23.94 1.58
N PRO B 200 48.24 -23.57 0.58
CA PRO B 200 49.53 -22.92 0.90
C PRO B 200 49.34 -21.63 1.70
N ASN B 201 50.26 -21.37 2.63
CA ASN B 201 50.23 -20.09 3.34
C ASN B 201 50.30 -18.95 2.33
N GLN B 202 49.42 -17.98 2.49
CA GLN B 202 49.19 -16.97 1.47
C GLN B 202 49.10 -15.59 2.12
N ALA B 203 49.71 -14.58 1.48
CA ALA B 203 49.71 -13.24 2.06
C ALA B 203 48.31 -12.62 2.08
N ASP B 204 47.84 -12.26 0.90
CA ASP B 204 46.65 -11.42 0.77
C ASP B 204 45.67 -12.07 -0.17
N PRO B 205 44.41 -11.58 -0.19
CA PRO B 205 43.51 -12.05 -1.22
C PRO B 205 44.03 -11.72 -2.61
N ASN B 206 43.68 -12.57 -3.56
CA ASN B 206 43.89 -12.29 -4.98
C ASN B 206 42.59 -11.91 -5.64
N PHE B 207 42.67 -10.91 -6.50
CA PHE B 207 41.51 -10.41 -7.26
C PHE B 207 41.76 -10.67 -8.73
N GLY B 208 40.71 -10.53 -9.55
CA GLY B 208 40.85 -10.74 -11.00
C GLY B 208 41.21 -12.18 -11.28
N CYS B 209 42.21 -12.39 -12.12
CA CYS B 209 42.71 -13.73 -12.38
C CYS B 209 44.21 -13.70 -12.57
N PRO B 210 44.95 -13.96 -11.49
CA PRO B 210 46.39 -13.97 -11.52
C PRO B 210 46.97 -14.98 -12.50
N SER B 211 48.20 -14.71 -12.90
CA SER B 211 49.00 -15.62 -13.69
C SER B 211 49.60 -16.65 -12.74
N TYR B 212 49.54 -17.94 -13.10
CA TYR B 212 50.21 -18.98 -12.33
C TYR B 212 51.71 -19.04 -12.68
N PRO B 213 52.60 -19.09 -11.67
CA PRO B 213 52.39 -19.04 -10.22
C PRO B 213 52.37 -17.61 -9.67
N HIS B 214 51.61 -17.43 -8.58
CA HIS B 214 51.58 -16.19 -7.83
C HIS B 214 52.09 -16.46 -6.42
N VAL B 215 53.41 -16.32 -6.27
CA VAL B 215 54.08 -16.63 -5.01
C VAL B 215 53.90 -15.55 -3.95
N SER B 216 53.62 -15.98 -2.72
CA SER B 216 53.63 -15.10 -1.55
C SER B 216 54.02 -15.89 -0.31
N CYS B 217 54.42 -15.20 0.76
CA CYS B 217 54.77 -15.86 2.02
C CYS B 217 55.72 -17.07 1.85
N SER B 218 56.67 -16.95 0.94
CA SER B 218 57.67 -18.00 0.70
C SER B 218 57.04 -19.33 0.32
N ASN B 219 55.92 -19.27 -0.39
CA ASN B 219 55.22 -20.51 -0.74
C ASN B 219 55.57 -21.04 -2.14
N GLY B 220 56.70 -20.58 -2.67
CA GLY B 220 57.19 -21.07 -3.96
C GLY B 220 57.60 -22.54 -3.96
N PRO B 221 57.75 -23.13 -5.16
CA PRO B 221 57.60 -22.51 -6.46
C PRO B 221 56.15 -22.50 -6.96
N ASN B 222 55.26 -23.23 -6.32
CA ASN B 222 53.89 -23.36 -6.83
C ASN B 222 53.03 -22.13 -6.56
N GLY B 223 53.30 -21.43 -5.44
CA GLY B 223 52.58 -20.21 -5.11
C GLY B 223 51.19 -20.38 -4.47
N ASP B 224 50.45 -19.27 -4.47
CA ASP B 224 49.11 -19.17 -3.86
C ASP B 224 48.18 -20.06 -4.66
N MET B 225 47.27 -20.74 -3.96
CA MET B 225 46.19 -21.48 -4.60
C MET B 225 45.02 -20.53 -4.91
N PHE B 226 45.25 -19.57 -5.79
CA PHE B 226 44.31 -18.48 -6.00
C PHE B 226 43.05 -18.94 -6.72
N MET B 227 43.08 -20.16 -7.27
CA MET B 227 41.89 -20.71 -7.95
C MET B 227 40.98 -21.50 -7.00
N ASN B 228 41.29 -21.43 -5.70
CA ASN B 228 40.44 -22.01 -4.66
C ASN B 228 39.24 -21.07 -4.46
N TYR B 229 38.06 -21.64 -4.21
CA TYR B 229 36.85 -20.85 -3.99
C TYR B 229 36.92 -19.87 -2.82
N LEU B 230 37.84 -20.12 -1.88
CA LEU B 230 37.99 -19.26 -0.69
C LEU B 230 39.01 -18.13 -0.86
N ASP B 231 39.50 -17.94 -2.10
CA ASP B 231 40.16 -16.67 -2.46
C ASP B 231 39.10 -15.66 -2.96
N TYR B 232 39.56 -14.57 -3.58
CA TYR B 232 38.68 -13.49 -4.01
C TYR B 232 38.73 -13.23 -5.52
N VAL B 233 39.27 -14.20 -6.26
CA VAL B 233 39.38 -14.08 -7.70
C VAL B 233 38.00 -14.06 -8.38
N ASP B 234 37.98 -13.59 -9.64
CA ASP B 234 36.78 -13.62 -10.47
C ASP B 234 36.15 -15.02 -10.58
N ASP B 235 34.84 -15.10 -10.82
CA ASP B 235 34.14 -16.39 -10.85
C ASP B 235 34.79 -17.42 -11.79
N LYS B 236 35.27 -16.98 -12.95
CA LYS B 236 35.78 -17.92 -13.94
C LYS B 236 37.15 -18.46 -13.54
N CYS B 237 37.75 -17.84 -12.54
CA CYS B 237 39.12 -18.17 -12.15
C CYS B 237 39.18 -19.04 -10.89
N MET B 238 38.06 -19.15 -10.18
CA MET B 238 38.00 -20.04 -9.01
C MET B 238 37.14 -21.27 -9.28
N VAL B 239 37.74 -22.43 -9.07
CA VAL B 239 37.22 -23.69 -9.61
C VAL B 239 37.38 -24.92 -8.72
N MET B 240 37.87 -24.75 -7.49
CA MET B 240 38.10 -25.94 -6.64
C MET B 240 38.08 -25.68 -5.14
N PHE B 241 37.72 -26.75 -4.42
CA PHE B 241 38.01 -26.95 -3.00
C PHE B 241 39.12 -27.96 -2.86
N THR B 242 39.87 -27.91 -1.77
CA THR B 242 40.89 -28.94 -1.49
C THR B 242 40.34 -30.04 -0.58
N GLN B 243 41.02 -31.18 -0.58
CA GLN B 243 40.66 -32.26 0.33
C GLN B 243 40.82 -31.85 1.80
N GLY B 244 41.79 -31.00 2.09
CA GLY B 244 41.97 -30.47 3.45
C GLY B 244 40.77 -29.64 3.88
N GLN B 245 40.23 -28.87 2.93
CA GLN B 245 38.98 -28.15 3.17
C GLN B 245 37.82 -29.12 3.38
N ALA B 246 37.76 -30.18 2.58
CA ALA B 246 36.76 -31.24 2.77
C ALA B 246 36.76 -31.81 4.18
N THR B 247 37.95 -31.98 4.76
CA THR B 247 38.06 -32.42 6.17
C THR B 247 37.28 -31.50 7.14
N ARG B 248 37.48 -30.19 7.00
CA ARG B 248 36.75 -29.19 7.82
C ARG B 248 35.27 -29.22 7.54
N VAL B 249 34.90 -29.33 6.26
CA VAL B 249 33.48 -29.42 5.92
C VAL B 249 32.85 -30.65 6.57
N ASN B 250 33.55 -31.78 6.49
CA ASN B 250 33.07 -33.01 7.12
C ASN B 250 32.88 -32.85 8.63
N ALA B 251 33.82 -32.18 9.30
CA ALA B 251 33.67 -31.95 10.74
C ALA B 251 32.44 -31.08 11.04
N CYS B 252 32.21 -30.09 10.19
CA CYS B 252 31.02 -29.24 10.30
C CYS B 252 29.74 -30.08 10.18
N LEU B 253 29.70 -30.94 9.18
CA LEU B 253 28.51 -31.78 8.96
C LEU B 253 28.35 -32.82 10.06
N ASP B 254 29.46 -33.24 10.67
CA ASP B 254 29.39 -34.28 11.72
C ASP B 254 29.01 -33.69 13.07
N GLY B 255 29.20 -32.37 13.21
CA GLY B 255 29.02 -31.68 14.48
C GLY B 255 27.91 -30.65 14.41
N PRO B 256 28.29 -29.37 14.25
CA PRO B 256 27.33 -28.25 14.37
C PRO B 256 26.18 -28.35 13.38
N ARG B 257 26.41 -28.96 12.21
CA ARG B 257 25.34 -29.08 11.23
C ARG B 257 24.89 -30.53 11.00
N SER B 258 25.02 -31.35 12.05
CA SER B 258 24.67 -32.77 11.95
C SER B 258 23.18 -32.99 11.70
N SER B 259 22.36 -31.99 12.01
CA SER B 259 20.92 -32.08 11.77
C SER B 259 20.60 -32.29 10.29
N PHE B 260 21.53 -31.92 9.40
CA PHE B 260 21.33 -32.13 7.95
C PHE B 260 21.61 -33.55 7.45
N LEU B 261 22.25 -34.36 8.29
CA LEU B 261 22.54 -35.74 7.92
C LEU B 261 21.27 -36.61 7.84
N ALA B 262 21.27 -37.57 6.91
CA ALA B 262 20.14 -38.49 6.73
C ALA B 262 19.96 -39.42 7.94
N ARG C 1 -14.36 15.48 37.92
CA ARG C 1 -14.06 16.32 36.73
C ARG C 1 -14.01 15.41 35.51
N MET C 2 -14.66 15.83 34.43
CA MET C 2 -14.62 15.10 33.16
C MET C 2 -13.31 15.40 32.44
N GLU C 3 -12.68 14.35 31.91
CA GLU C 3 -11.57 14.50 30.98
C GLU C 3 -12.22 14.70 29.60
N ILE C 4 -12.01 15.87 29.00
CA ILE C 4 -12.58 16.12 27.65
C ILE C 4 -11.59 15.60 26.63
N VAL C 5 -12.01 14.56 25.92
CA VAL C 5 -11.18 13.89 24.95
C VAL C 5 -11.40 14.61 23.63
N LYS C 6 -10.33 15.16 23.05
CA LYS C 6 -10.45 15.97 21.84
C LYS C 6 -9.99 15.18 20.62
N ILE C 7 -10.95 14.88 19.76
CA ILE C 7 -10.73 13.98 18.62
C ILE C 7 -10.47 14.77 17.34
N PRO C 8 -9.27 14.62 16.74
CA PRO C 8 -8.98 15.24 15.44
C PRO C 8 -9.76 14.51 14.38
N VAL C 9 -10.43 15.28 13.52
CA VAL C 9 -11.24 14.75 12.44
C VAL C 9 -10.60 15.13 11.12
N VAL C 10 -10.58 14.18 10.19
CA VAL C 10 -10.36 14.50 8.77
C VAL C 10 -11.61 14.14 8.00
N VAL C 11 -12.13 15.14 7.27
CA VAL C 11 -13.32 14.93 6.45
C VAL C 11 -12.85 14.73 5.03
N HIS C 12 -13.17 13.55 4.46
CA HIS C 12 -12.82 13.26 3.08
C HIS C 12 -14.05 13.45 2.21
N VAL C 13 -14.14 14.59 1.53
CA VAL C 13 -15.23 14.85 0.61
C VAL C 13 -14.89 14.16 -0.72
N VAL C 14 -15.79 13.30 -1.18
CA VAL C 14 -15.58 12.54 -2.42
C VAL C 14 -16.75 12.92 -3.31
N TRP C 15 -16.45 13.61 -4.42
CA TRP C 15 -17.49 14.27 -5.20
C TRP C 15 -17.39 13.96 -6.68
N ASN C 16 -18.56 13.82 -7.30
CA ASN C 16 -18.63 13.60 -8.74
C ASN C 16 -19.12 14.88 -9.41
N GLU C 17 -20.36 15.26 -9.11
CA GLU C 17 -20.92 16.54 -9.57
C GLU C 17 -20.45 17.64 -8.63
N GLU C 18 -20.26 18.84 -9.17
CA GLU C 18 -19.73 19.97 -8.38
C GLU C 18 -20.48 20.23 -7.07
N GLU C 19 -21.81 20.07 -7.10
CA GLU C 19 -22.66 20.37 -5.95
C GLU C 19 -22.38 19.43 -4.77
N GLU C 20 -21.77 18.29 -5.05
CA GLU C 20 -21.41 17.31 -4.04
C GLU C 20 -20.11 17.69 -3.32
N ASN C 21 -19.38 18.66 -3.86
CA ASN C 21 -18.13 19.08 -3.26
C ASN C 21 -18.48 20.12 -2.20
N ILE C 22 -19.00 19.64 -1.08
CA ILE C 22 -19.70 20.49 -0.12
C ILE C 22 -18.85 21.58 0.52
N SER C 23 -19.49 22.69 0.88
CA SER C 23 -18.76 23.84 1.39
C SER C 23 -18.05 23.60 2.74
N ASP C 24 -17.01 24.38 2.97
CA ASP C 24 -16.38 24.46 4.27
C ASP C 24 -17.41 24.73 5.36
N ALA C 25 -18.35 25.62 5.06
CA ALA C 25 -19.41 26.03 6.00
C ALA C 25 -20.26 24.83 6.40
N GLN C 26 -20.66 24.03 5.40
CA GLN C 26 -21.49 22.85 5.65
C GLN C 26 -20.71 21.84 6.52
N ILE C 27 -19.43 21.65 6.22
CA ILE C 27 -18.58 20.77 7.03
C ILE C 27 -18.44 21.28 8.46
N GLN C 28 -18.12 22.57 8.61
CA GLN C 28 -17.98 23.17 9.94
C GLN C 28 -19.29 23.04 10.73
N SER C 29 -20.42 23.14 10.03
CA SER C 29 -21.71 23.04 10.72
C SER C 29 -21.86 21.68 11.35
N GLN C 30 -21.37 20.63 10.69
CA GLN C 30 -21.42 19.30 11.31
C GLN C 30 -20.53 19.18 12.55
N ILE C 31 -19.32 19.72 12.48
CA ILE C 31 -18.42 19.68 13.63
C ILE C 31 -19.08 20.41 14.80
N ASP C 32 -19.75 21.52 14.50
CA ASP C 32 -20.45 22.27 15.58
C ASP C 32 -21.53 21.42 16.27
N ILE C 33 -22.29 20.66 15.48
CA ILE C 33 -23.30 19.75 16.03
C ILE C 33 -22.65 18.67 16.89
N LEU C 34 -21.58 18.04 16.42
CA LEU C 34 -20.93 17.03 17.24
C LEU C 34 -20.52 17.58 18.60
N ASN C 35 -19.98 18.81 18.60
CA ASN C 35 -19.55 19.45 19.82
C ASN C 35 -20.67 19.85 20.77
N LYS C 36 -21.90 19.88 20.25
CA LYS C 36 -23.09 20.01 21.11
C LYS C 36 -23.57 18.64 21.61
N ASP C 37 -23.83 17.73 20.67
CA ASP C 37 -24.41 16.42 21.03
C ASP C 37 -23.53 15.61 21.97
N PHE C 38 -22.20 15.65 21.77
CA PHE C 38 -21.26 14.87 22.59
C PHE C 38 -20.88 15.52 23.92
N ARG C 39 -21.49 16.69 24.16
CA ARG C 39 -21.29 17.40 25.41
C ARG C 39 -22.60 17.70 26.14
N LYS C 40 -23.71 17.14 25.65
CA LYS C 40 -25.07 17.40 26.22
C LYS C 40 -25.32 18.92 26.23
N LEU C 41 -24.85 19.58 25.18
CA LEU C 41 -25.06 21.01 25.02
C LEU C 41 -26.11 21.32 23.95
N ASN C 42 -26.69 20.29 23.35
CA ASN C 42 -27.79 20.50 22.40
C ASN C 42 -29.03 21.02 23.12
N SER C 43 -29.57 22.13 22.64
CA SER C 43 -30.74 22.71 23.27
C SER C 43 -31.93 21.73 23.30
N ASP C 44 -32.06 20.91 22.26
CA ASP C 44 -33.22 20.02 22.13
C ASP C 44 -33.16 18.81 23.06
N VAL C 45 -32.15 18.79 23.91
CA VAL C 45 -32.09 17.81 25.00
C VAL C 45 -33.33 17.98 25.90
N SER C 46 -33.93 19.18 25.85
CA SER C 46 -35.16 19.47 26.59
C SER C 46 -36.34 18.57 26.15
N GLN C 47 -36.22 17.93 24.99
CA GLN C 47 -37.29 17.03 24.49
C GLN C 47 -37.34 15.68 25.18
N VAL C 48 -36.29 15.30 25.89
CA VAL C 48 -36.26 14.01 26.56
C VAL C 48 -37.36 13.95 27.64
N PRO C 49 -38.17 12.90 27.61
CA PRO C 49 -39.18 12.72 28.68
C PRO C 49 -38.52 12.83 30.05
N SER C 50 -39.12 13.64 30.95
CA SER C 50 -38.55 13.90 32.27
C SER C 50 -38.27 12.65 33.08
N VAL C 51 -39.01 11.56 32.84
CA VAL C 51 -38.76 10.31 33.53
C VAL C 51 -37.31 9.82 33.31
N TRP C 52 -36.73 10.20 32.17
CA TRP C 52 -35.35 9.80 31.84
C TRP C 52 -34.30 10.91 31.97
N SER C 53 -34.67 12.08 32.48
CA SER C 53 -33.73 13.20 32.60
C SER C 53 -32.44 12.81 33.28
N ASN C 54 -32.56 12.00 34.34
CA ASN C 54 -31.41 11.67 35.14
C ASN C 54 -30.43 10.72 34.46
N LEU C 55 -30.80 10.19 33.30
CA LEU C 55 -29.96 9.25 32.53
C LEU C 55 -29.20 9.93 31.40
N ILE C 56 -29.55 11.19 31.08
CA ILE C 56 -28.97 11.89 29.92
C ILE C 56 -27.49 12.15 30.17
N ALA C 57 -26.64 11.77 29.22
CA ALA C 57 -25.18 11.84 29.42
C ALA C 57 -24.47 12.94 28.65
N ASP C 58 -23.43 13.45 29.29
CA ASP C 58 -22.38 14.25 28.68
C ASP C 58 -21.26 13.26 28.41
N LEU C 59 -21.03 12.93 27.13
CA LEU C 59 -19.97 11.98 26.80
C LEU C 59 -18.55 12.55 26.98
N GLY C 60 -18.42 13.87 27.04
CA GLY C 60 -17.13 14.52 27.32
C GLY C 60 -16.15 14.37 26.18
N ILE C 61 -16.69 14.40 24.96
CA ILE C 61 -15.86 14.28 23.76
C ILE C 61 -16.09 15.51 22.92
N GLU C 62 -15.00 16.07 22.39
CA GLU C 62 -15.09 17.17 21.44
C GLU C 62 -14.32 16.84 20.20
N PHE C 63 -14.60 17.58 19.13
CA PHE C 63 -14.06 17.24 17.81
C PHE C 63 -13.52 18.50 17.18
N PHE C 64 -12.44 18.35 16.43
CA PHE C 64 -11.95 19.46 15.64
C PHE C 64 -11.38 18.98 14.33
N LEU C 65 -11.54 19.79 13.28
CA LEU C 65 -10.82 19.48 12.03
C LEU C 65 -9.31 19.51 12.27
N ALA C 66 -8.64 18.42 11.89
CA ALA C 66 -7.20 18.28 12.12
C ALA C 66 -6.44 19.51 11.64
N THR C 67 -5.43 19.88 12.44
CA THR C 67 -4.52 20.98 12.09
C THR C 67 -3.18 20.48 11.58
N LYS C 68 -2.87 19.21 11.83
CA LYS C 68 -1.65 18.61 11.33
C LYS C 68 -2.02 17.36 10.57
N ASP C 69 -1.38 17.18 9.42
CA ASP C 69 -1.56 15.98 8.63
C ASP C 69 -0.76 14.82 9.22
N PRO C 70 -0.88 13.61 8.64
CA PRO C 70 -0.29 12.43 9.28
C PRO C 70 1.22 12.50 9.40
N ASN C 71 1.85 13.37 8.61
CA ASN C 71 3.29 13.58 8.68
C ASN C 71 3.69 14.90 9.34
N GLY C 72 2.77 15.49 10.08
CA GLY C 72 3.03 16.66 10.89
C GLY C 72 2.95 18.00 10.18
N ASN C 73 2.48 17.99 8.94
CA ASN C 73 2.37 19.22 8.14
C ASN C 73 1.04 19.93 8.31
N GLN C 74 1.02 21.24 8.11
CA GLN C 74 -0.22 22.00 8.21
C GLN C 74 -1.26 21.44 7.26
N THR C 75 -2.52 21.36 7.74
CA THR C 75 -3.64 20.91 6.92
C THR C 75 -4.90 21.67 7.32
N THR C 76 -5.88 21.70 6.41
CA THR C 76 -7.24 22.15 6.72
C THR C 76 -8.04 21.07 7.47
N GLY C 77 -7.53 19.84 7.44
CA GLY C 77 -8.30 18.69 7.95
C GLY C 77 -9.43 18.25 7.02
N ILE C 78 -9.43 18.76 5.77
CA ILE C 78 -10.41 18.36 4.78
C ILE C 78 -9.68 17.92 3.53
N THR C 79 -10.01 16.73 3.03
CA THR C 79 -9.53 16.35 1.70
C THR C 79 -10.70 16.42 0.72
N ARG C 80 -10.42 16.71 -0.55
CA ARG C 80 -11.46 16.82 -1.56
C ARG C 80 -10.99 16.05 -2.79
N THR C 81 -11.75 15.04 -3.16
CA THR C 81 -11.34 14.11 -4.21
C THR C 81 -12.44 13.96 -5.23
N GLN C 82 -12.14 14.31 -6.49
CA GLN C 82 -13.11 14.10 -7.56
C GLN C 82 -13.14 12.63 -7.92
N THR C 83 -14.32 12.14 -8.23
CA THR C 83 -14.51 10.75 -8.60
C THR C 83 -15.48 10.62 -9.79
N SER C 84 -15.33 9.52 -10.51
CA SER C 84 -16.27 9.17 -11.57
C SER C 84 -17.33 8.20 -11.07
N VAL C 85 -17.17 7.73 -9.82
CA VAL C 85 -18.15 6.85 -9.19
C VAL C 85 -19.47 7.57 -8.94
N THR C 86 -20.59 6.90 -9.21
CA THR C 86 -21.90 7.53 -8.97
C THR C 86 -22.55 7.08 -7.68
N PHE C 87 -22.10 5.96 -7.13
CA PHE C 87 -22.55 5.57 -5.79
C PHE C 87 -21.56 4.64 -5.13
N PHE C 88 -21.53 4.73 -3.81
CA PHE C 88 -20.67 3.91 -2.99
C PHE C 88 -21.53 2.99 -2.13
N THR C 89 -20.93 1.96 -1.57
CA THR C 89 -21.70 0.99 -0.79
C THR C 89 -21.01 0.69 0.52
N THR C 90 -21.63 -0.19 1.31
CA THR C 90 -21.01 -0.62 2.56
C THR C 90 -19.73 -1.46 2.35
N SER C 91 -19.41 -1.77 1.10
CA SER C 91 -18.17 -2.49 0.74
C SER C 91 -16.87 -1.67 0.84
N ASP C 92 -17.01 -0.40 1.18
CA ASP C 92 -15.87 0.50 1.49
C ASP C 92 -15.11 1.01 0.26
N GLU C 93 -15.75 1.05 -0.90
CA GLU C 93 -15.10 1.65 -2.09
C GLU C 93 -14.68 3.11 -1.83
N VAL C 94 -15.42 3.81 -0.97
CA VAL C 94 -15.12 5.23 -0.73
C VAL C 94 -13.82 5.42 0.06
N LYS C 95 -13.31 4.33 0.64
CA LYS C 95 -12.19 4.43 1.57
C LYS C 95 -10.84 4.10 0.89
N PHE C 96 -10.86 3.93 -0.44
CA PHE C 96 -9.61 3.63 -1.15
C PHE C 96 -9.52 4.47 -2.43
N ALA C 97 -8.36 5.09 -2.64
CA ALA C 97 -8.14 5.82 -3.90
C ALA C 97 -8.35 4.92 -5.11
N SER C 98 -7.91 3.66 -4.97
CA SER C 98 -8.04 2.63 -6.03
C SER C 98 -9.45 2.43 -6.59
N SER C 99 -10.46 2.57 -5.72
CA SER C 99 -11.85 2.31 -6.07
C SER C 99 -12.65 3.62 -6.18
N GLY C 100 -11.93 4.72 -6.43
CA GLY C 100 -12.58 5.98 -6.69
C GLY C 100 -12.95 6.77 -5.45
N GLY C 101 -12.38 6.39 -4.31
CA GLY C 101 -12.57 7.13 -3.08
C GLY C 101 -11.29 7.82 -2.62
N GLU C 102 -11.08 7.81 -1.30
CA GLU C 102 -9.93 8.50 -0.72
C GLU C 102 -9.38 7.66 0.45
N ASP C 103 -8.07 7.48 0.47
CA ASP C 103 -7.41 6.67 1.52
C ASP C 103 -7.61 7.22 2.92
N ALA C 104 -7.72 6.31 3.89
CA ALA C 104 -7.81 6.72 5.30
C ALA C 104 -6.51 7.32 5.79
N TRP C 105 -6.64 8.31 6.67
CA TRP C 105 -5.52 8.76 7.49
C TRP C 105 -5.40 7.82 8.69
N PRO C 106 -4.23 7.76 9.34
CA PRO C 106 -4.01 6.80 10.45
C PRO C 106 -5.12 6.81 11.53
N ALA C 107 -5.76 5.66 11.71
CA ALA C 107 -6.96 5.58 12.53
C ALA C 107 -6.66 5.68 14.01
N ASP C 108 -5.39 5.59 14.38
CA ASP C 108 -5.04 5.73 15.79
C ASP C 108 -4.96 7.19 16.20
N ARG C 109 -4.96 8.09 15.21
CA ARG C 109 -4.74 9.52 15.49
C ARG C 109 -5.85 10.42 14.96
N TYR C 110 -6.66 9.92 14.03
CA TYR C 110 -7.74 10.67 13.41
C TYR C 110 -9.03 9.88 13.36
N LEU C 111 -10.16 10.57 13.49
CA LEU C 111 -11.45 10.01 13.07
C LEU C 111 -11.65 10.39 11.61
N ASN C 112 -11.66 9.38 10.76
CA ASN C 112 -11.90 9.57 9.33
C ASN C 112 -13.40 9.66 9.08
N ILE C 113 -13.83 10.76 8.47
CA ILE C 113 -15.22 10.89 8.03
C ILE C 113 -15.24 11.09 6.51
N TRP C 114 -15.82 10.15 5.80
CA TRP C 114 -16.00 10.28 4.35
C TRP C 114 -17.39 10.79 4.08
N VAL C 115 -17.50 11.66 3.10
CA VAL C 115 -18.78 12.23 2.71
C VAL C 115 -18.89 12.00 1.20
N CYS C 116 -19.96 11.35 0.78
CA CYS C 116 -20.18 11.10 -0.64
C CYS C 116 -21.66 11.32 -0.93
N HIS C 117 -22.05 11.27 -2.20
CA HIS C 117 -23.41 11.64 -2.55
C HIS C 117 -24.47 10.54 -2.36
N VAL C 118 -24.14 9.32 -2.77
CA VAL C 118 -25.10 8.19 -2.71
C VAL C 118 -24.44 7.00 -2.03
N LEU C 119 -25.15 6.43 -1.06
CA LEU C 119 -24.71 5.25 -0.33
C LEU C 119 -25.78 4.18 -0.40
N LYS C 120 -25.37 2.97 -0.74
CA LYS C 120 -26.28 1.83 -0.81
C LYS C 120 -25.80 0.69 0.08
N SER C 121 -26.77 -0.01 0.68
CA SER C 121 -26.45 -1.23 1.40
C SER C 121 -26.17 -2.33 0.38
N GLU C 122 -25.67 -3.46 0.86
CA GLU C 122 -25.40 -4.60 -0.03
C GLU C 122 -26.63 -5.09 -0.78
N ILE C 123 -27.79 -5.00 -0.15
CA ILE C 123 -29.04 -5.34 -0.84
C ILE C 123 -29.63 -4.16 -1.64
N GLY C 124 -28.82 -3.12 -1.83
CA GLY C 124 -29.16 -2.00 -2.69
C GLY C 124 -30.12 -0.98 -2.11
N GLN C 125 -30.35 -1.01 -0.79
CA GLN C 125 -31.18 0.00 -0.15
C GLN C 125 -30.37 1.28 -0.06
N ASP C 126 -31.06 2.38 -0.27
CA ASP C 126 -30.51 3.68 -0.05
C ASP C 126 -30.30 3.86 1.46
N ILE C 127 -29.09 4.27 1.86
CA ILE C 127 -28.80 4.53 3.28
C ILE C 127 -28.13 5.90 3.47
N LEU C 128 -28.10 6.37 4.72
CA LEU C 128 -27.58 7.73 5.03
C LEU C 128 -26.12 7.70 5.48
N GLY C 129 -25.66 6.54 5.94
CA GLY C 129 -24.35 6.46 6.54
C GLY C 129 -24.06 5.07 7.04
N TYR C 130 -22.78 4.81 7.33
CA TYR C 130 -22.40 3.55 7.98
C TYR C 130 -21.05 3.75 8.68
N ALA C 131 -20.82 2.91 9.67
CA ALA C 131 -19.65 3.02 10.55
C ALA C 131 -18.85 1.72 10.54
N GLN C 132 -17.60 1.83 11.00
CA GLN C 132 -16.84 0.65 11.39
C GLN C 132 -16.65 0.70 12.91
N PHE C 133 -17.06 -0.38 13.57
CA PHE C 133 -16.85 -0.51 15.02
C PHE C 133 -15.37 -0.67 15.37
N PRO C 134 -15.01 -0.45 16.63
CA PRO C 134 -13.61 -0.59 17.06
C PRO C 134 -13.07 -1.98 16.78
N GLY C 135 -11.76 -2.05 16.59
CA GLY C 135 -11.08 -3.32 16.45
C GLY C 135 -10.83 -3.77 15.01
N GLY C 136 -11.41 -3.05 14.04
CA GLY C 136 -11.35 -3.45 12.60
C GLY C 136 -10.04 -2.92 12.07
N PRO C 137 -9.76 -3.16 10.77
CA PRO C 137 -8.50 -2.69 10.23
C PRO C 137 -8.48 -1.17 10.08
N ALA C 138 -7.31 -0.59 10.32
CA ALA C 138 -7.12 0.86 10.24
C ALA C 138 -7.49 1.41 8.87
N GLU C 139 -7.24 0.62 7.82
CA GLU C 139 -7.48 1.08 6.44
C GLU C 139 -8.91 1.52 6.20
N THR C 140 -9.86 0.98 6.95
CA THR C 140 -11.27 1.30 6.74
C THR C 140 -12.00 1.85 7.97
N ASP C 141 -11.21 2.26 8.96
CA ASP C 141 -11.78 2.75 10.21
C ASP C 141 -12.35 4.14 10.04
N GLY C 142 -13.55 4.36 10.58
CA GLY C 142 -14.19 5.67 10.53
C GLY C 142 -15.64 5.55 10.18
N VAL C 143 -16.20 6.64 9.67
CA VAL C 143 -17.63 6.72 9.36
C VAL C 143 -17.83 7.35 7.98
N VAL C 144 -18.95 7.02 7.37
CA VAL C 144 -19.29 7.55 6.05
C VAL C 144 -20.71 8.11 6.16
N ILE C 145 -20.93 9.29 5.60
CA ILE C 145 -22.25 9.94 5.66
C ILE C 145 -22.56 10.54 4.29
N VAL C 146 -23.79 10.40 3.82
CA VAL C 146 -24.11 11.09 2.53
C VAL C 146 -24.19 12.61 2.71
N ASP C 147 -23.82 13.35 1.68
CA ASP C 147 -23.76 14.82 1.82
C ASP C 147 -25.10 15.47 2.21
N ALA C 148 -26.21 14.94 1.70
CA ALA C 148 -27.56 15.47 2.02
C ALA C 148 -27.98 15.21 3.47
N ALA C 149 -27.19 14.41 4.19
CA ALA C 149 -27.46 14.16 5.63
C ALA C 149 -26.25 14.58 6.48
N PHE C 150 -25.46 15.51 5.95
CA PHE C 150 -24.25 15.96 6.62
C PHE C 150 -24.31 17.47 6.85
N GLY C 151 -24.18 17.89 8.11
CA GLY C 151 -24.23 19.30 8.46
C GLY C 151 -25.64 19.85 8.44
N THR C 152 -25.76 21.16 8.61
CA THR C 152 -27.06 21.79 8.81
C THR C 152 -27.35 22.90 7.80
N THR C 153 -26.51 22.97 6.77
CA THR C 153 -26.67 23.99 5.74
C THR C 153 -26.23 23.39 4.41
N GLY C 154 -26.17 24.19 3.36
CA GLY C 154 -25.69 23.67 2.08
C GLY C 154 -26.64 22.65 1.51
N THR C 155 -26.14 21.44 1.25
CA THR C 155 -26.95 20.40 0.61
C THR C 155 -27.77 19.57 1.59
N ALA C 156 -27.61 19.82 2.88
CA ALA C 156 -28.37 19.04 3.88
C ALA C 156 -29.88 19.25 3.69
N LEU C 157 -30.65 18.14 3.72
CA LEU C 157 -32.10 18.20 3.50
C LEU C 157 -32.86 17.61 4.68
N PRO C 158 -33.97 18.27 5.08
CA PRO C 158 -34.83 17.65 6.09
C PRO C 158 -35.39 16.28 5.59
N PRO C 159 -35.62 15.31 6.49
CA PRO C 159 -35.54 15.44 7.96
C PRO C 159 -34.18 15.04 8.51
N PHE C 160 -33.15 15.02 7.65
CA PHE C 160 -31.81 14.63 8.09
C PHE C 160 -30.84 15.81 8.00
N ASP C 161 -31.31 16.95 8.49
CA ASP C 161 -30.59 18.21 8.33
C ASP C 161 -30.20 18.86 9.66
N LYS C 162 -30.11 18.05 10.72
CA LYS C 162 -29.65 18.55 12.01
C LYS C 162 -28.35 17.89 12.46
N GLY C 163 -27.69 17.21 11.52
CA GLY C 163 -26.37 16.59 11.80
C GLY C 163 -26.37 15.32 12.64
N ARG C 164 -27.52 14.68 12.77
CA ARG C 164 -27.63 13.50 13.65
C ARG C 164 -27.15 12.18 13.05
N THR C 165 -27.10 12.09 11.72
CA THR C 165 -26.53 10.87 11.11
C THR C 165 -25.09 10.63 11.59
N ALA C 166 -24.29 11.69 11.57
CA ALA C 166 -22.92 11.62 12.08
C ALA C 166 -22.88 11.31 13.58
N THR C 167 -23.76 11.92 14.39
CA THR C 167 -23.84 11.58 15.81
C THR C 167 -24.10 10.07 15.99
N HIS C 168 -25.07 9.55 15.25
CA HIS C 168 -25.44 8.12 15.31
C HIS C 168 -24.26 7.26 14.89
N GLU C 169 -23.65 7.56 13.74
CA GLU C 169 -22.54 6.74 13.24
C GLU C 169 -21.30 6.81 14.15
N ILE C 170 -20.99 8.00 14.66
CA ILE C 170 -19.86 8.13 15.60
C ILE C 170 -20.16 7.35 16.89
N GLY C 171 -21.43 7.26 17.25
CA GLY C 171 -21.86 6.35 18.33
C GLY C 171 -21.35 4.93 18.12
N HIS C 172 -21.58 4.40 16.91
CA HIS C 172 -21.07 3.07 16.53
C HIS C 172 -19.54 3.05 16.59
N TRP C 173 -18.91 4.12 16.13
CA TRP C 173 -17.45 4.19 16.11
C TRP C 173 -16.88 4.07 17.55
N LEU C 174 -17.67 4.55 18.52
CA LEU C 174 -17.38 4.49 19.95
C LEU C 174 -17.97 3.27 20.67
N ASN C 175 -18.35 2.28 19.89
CA ASN C 175 -18.78 0.96 20.35
C ASN C 175 -20.21 0.88 20.85
N LEU C 176 -21.06 1.80 20.41
CA LEU C 176 -22.51 1.70 20.74
C LEU C 176 -23.29 1.00 19.63
N TYR C 177 -24.23 0.15 20.07
CA TYR C 177 -25.07 -0.60 19.17
C TYR C 177 -26.48 -0.07 19.12
N HIS C 178 -27.17 -0.41 18.03
CA HIS C 178 -28.57 -0.05 17.89
C HIS C 178 -29.37 -0.45 19.10
N ILE C 179 -30.21 0.46 19.58
CA ILE C 179 -30.88 0.28 20.86
C ILE C 179 -31.85 -0.93 20.83
N TRP C 180 -32.39 -1.26 19.65
CA TRP C 180 -33.32 -2.40 19.55
C TRP C 180 -32.65 -3.79 19.45
N GLY C 181 -31.32 -3.85 19.32
CA GLY C 181 -30.63 -5.12 19.33
C GLY C 181 -30.32 -5.85 18.03
N ASP C 182 -30.78 -5.31 16.90
CA ASP C 182 -30.44 -5.86 15.56
C ASP C 182 -30.80 -7.35 15.36
N GLU C 183 -32.00 -7.74 15.79
CA GLU C 183 -32.46 -9.09 15.49
C GLU C 183 -32.53 -9.33 14.00
N LEU C 184 -32.25 -10.58 13.61
CA LEU C 184 -32.50 -11.03 12.25
C LEU C 184 -33.97 -11.35 12.08
N ARG C 185 -34.43 -11.44 10.84
CA ARG C 185 -35.86 -11.51 10.51
C ARG C 185 -36.58 -12.60 11.28
N PHE C 186 -35.90 -13.71 11.48
CA PHE C 186 -36.50 -14.92 12.02
C PHE C 186 -36.42 -15.01 13.54
N GLU C 187 -35.72 -14.07 14.18
CA GLU C 187 -35.50 -14.10 15.64
C GLU C 187 -36.61 -13.37 16.40
N ASP C 188 -36.81 -13.72 17.67
CA ASP C 188 -37.80 -13.03 18.50
C ASP C 188 -37.37 -11.58 18.60
N PRO C 189 -38.29 -10.64 18.30
CA PRO C 189 -37.93 -9.20 18.32
C PRO C 189 -37.49 -8.64 19.68
N CYS C 190 -37.71 -9.40 20.77
CA CYS C 190 -37.32 -8.94 22.11
C CYS C 190 -36.08 -9.62 22.67
N SER C 191 -35.42 -10.39 21.81
CA SER C 191 -34.39 -11.33 22.28
C SER C 191 -32.96 -10.80 22.34
N ARG C 192 -32.62 -9.79 21.53
CA ARG C 192 -31.25 -9.31 21.49
C ARG C 192 -31.08 -8.02 22.29
N SER C 193 -29.86 -7.77 22.75
CA SER C 193 -29.57 -6.67 23.64
C SER C 193 -28.52 -5.75 23.03
N ASP C 194 -28.58 -4.45 23.34
CA ASP C 194 -27.52 -3.50 22.99
C ASP C 194 -26.41 -3.44 24.06
N GLU C 195 -26.53 -4.32 25.05
CA GLU C 195 -25.59 -4.45 26.17
C GLU C 195 -25.53 -3.21 27.06
N VAL C 196 -26.62 -2.44 27.08
CA VAL C 196 -26.73 -1.27 27.95
C VAL C 196 -27.99 -1.41 28.80
N ASP C 197 -27.81 -1.49 30.12
CA ASP C 197 -28.94 -1.70 31.01
C ASP C 197 -29.95 -0.56 30.99
N ASP C 198 -29.47 0.68 30.91
CA ASP C 198 -30.40 1.80 31.05
C ASP C 198 -31.15 2.18 29.76
N THR C 199 -30.88 1.48 28.67
CA THR C 199 -31.73 1.62 27.49
C THR C 199 -32.76 0.49 27.56
N PRO C 200 -34.07 0.83 27.59
CA PRO C 200 -35.09 -0.21 27.74
C PRO C 200 -35.01 -1.22 26.62
N ASN C 201 -35.27 -2.48 26.95
CA ASN C 201 -35.38 -3.51 25.91
C ASN C 201 -36.44 -3.09 24.88
N GLN C 202 -36.09 -3.20 23.61
CA GLN C 202 -36.88 -2.64 22.53
C GLN C 202 -37.03 -3.60 21.34
N ALA C 203 -38.22 -3.64 20.76
CA ALA C 203 -38.48 -4.58 19.66
C ALA C 203 -37.65 -4.22 18.43
N ASP C 204 -38.08 -3.15 17.77
CA ASP C 204 -37.60 -2.81 16.43
C ASP C 204 -37.13 -1.37 16.40
N PRO C 205 -36.38 -1.00 15.34
CA PRO C 205 -36.13 0.42 15.18
C PRO C 205 -37.41 1.23 15.05
N ASN C 206 -37.32 2.46 15.53
CA ASN C 206 -38.33 3.46 15.26
C ASN C 206 -37.89 4.45 14.18
N PHE C 207 -38.79 4.72 13.24
CA PHE C 207 -38.55 5.74 12.22
C PHE C 207 -39.45 6.96 12.44
N GLY C 208 -39.13 8.07 11.78
CA GLY C 208 -39.96 9.27 11.90
C GLY C 208 -39.84 9.87 13.29
N CYS C 209 -40.99 10.08 13.93
CA CYS C 209 -40.95 10.50 15.32
C CYS C 209 -42.22 10.05 16.02
N PRO C 210 -42.12 8.92 16.74
CA PRO C 210 -43.24 8.35 17.47
C PRO C 210 -43.78 9.27 18.56
N SER C 211 -45.03 9.03 18.93
CA SER C 211 -45.62 9.66 20.09
C SER C 211 -45.14 8.94 21.34
N TYR C 212 -44.86 9.72 22.38
CA TYR C 212 -44.45 9.15 23.67
C TYR C 212 -45.70 8.81 24.47
N PRO C 213 -45.76 7.62 25.09
CA PRO C 213 -44.80 6.53 25.04
C PRO C 213 -45.03 5.58 23.85
N HIS C 214 -43.95 4.95 23.41
CA HIS C 214 -44.03 3.92 22.38
C HIS C 214 -43.56 2.62 22.99
N VAL C 215 -44.51 1.83 23.52
CA VAL C 215 -44.17 0.61 24.25
C VAL C 215 -43.90 -0.58 23.30
N SER C 216 -42.89 -1.38 23.65
CA SER C 216 -42.61 -2.66 22.98
C SER C 216 -41.91 -3.57 23.98
N CYS C 217 -41.93 -4.88 23.73
CA CYS C 217 -41.22 -5.82 24.58
C CYS C 217 -41.56 -5.64 26.07
N SER C 218 -42.83 -5.36 26.37
CA SER C 218 -43.27 -5.23 27.76
C SER C 218 -42.44 -4.22 28.55
N ASN C 219 -42.00 -3.16 27.87
CA ASN C 219 -41.17 -2.11 28.51
C ASN C 219 -41.96 -0.89 29.01
N GLY C 220 -43.25 -1.09 29.19
CA GLY C 220 -44.13 -0.06 29.76
C GLY C 220 -43.85 0.24 31.23
N PRO C 221 -44.38 1.37 31.72
CA PRO C 221 -45.22 2.34 31.01
C PRO C 221 -44.44 3.34 30.16
N ASN C 222 -43.11 3.46 30.35
CA ASN C 222 -42.34 4.53 29.70
C ASN C 222 -42.05 4.23 28.24
N GLY C 223 -41.89 2.95 27.91
CA GLY C 223 -41.68 2.54 26.50
C GLY C 223 -40.26 2.68 25.99
N ASP C 224 -40.15 2.58 24.65
CA ASP C 224 -38.87 2.66 23.92
C ASP C 224 -38.26 4.03 24.12
N MET C 225 -36.95 4.06 24.31
CA MET C 225 -36.21 5.31 24.37
C MET C 225 -35.87 5.78 22.94
N PHE C 226 -36.91 6.13 22.19
CA PHE C 226 -36.76 6.30 20.73
C PHE C 226 -36.07 7.61 20.38
N MET C 227 -35.91 8.48 21.36
CA MET C 227 -35.17 9.74 21.21
C MET C 227 -33.67 9.60 21.50
N ASN C 228 -33.22 8.35 21.70
CA ASN C 228 -31.79 8.06 21.82
C ASN C 228 -31.15 8.09 20.42
N TYR C 229 -29.92 8.58 20.34
CA TYR C 229 -29.24 8.66 19.05
C TYR C 229 -29.04 7.31 18.33
N LEU C 230 -29.09 6.19 19.07
CA LEU C 230 -28.88 4.85 18.48
C LEU C 230 -30.18 4.17 18.04
N ASP C 231 -31.30 4.91 18.04
CA ASP C 231 -32.49 4.47 17.30
C ASP C 231 -32.38 5.02 15.86
N TYR C 232 -33.49 5.01 15.14
CA TYR C 232 -33.50 5.37 13.71
C TYR C 232 -34.45 6.54 13.40
N VAL C 233 -34.87 7.26 14.44
CA VAL C 233 -35.82 8.35 14.28
C VAL C 233 -35.18 9.54 13.51
N ASP C 234 -36.04 10.43 13.02
CA ASP C 234 -35.58 11.64 12.30
C ASP C 234 -34.62 12.48 13.17
N ASP C 235 -33.75 13.29 12.55
CA ASP C 235 -32.77 14.10 13.30
C ASP C 235 -33.35 14.91 14.45
N LYS C 236 -34.51 15.54 14.22
CA LYS C 236 -35.09 16.41 15.23
C LYS C 236 -35.64 15.64 16.43
N CYS C 237 -35.81 14.34 16.24
CA CYS C 237 -36.46 13.47 17.21
C CYS C 237 -35.44 12.79 18.14
N MET C 238 -34.17 12.70 17.72
CA MET C 238 -33.15 12.03 18.57
C MET C 238 -32.19 13.06 19.12
N VAL C 239 -32.01 13.00 20.44
CA VAL C 239 -31.43 14.13 21.17
C VAL C 239 -30.58 13.76 22.40
N MET C 240 -30.31 12.47 22.61
CA MET C 240 -29.58 12.07 23.82
C MET C 240 -28.85 10.74 23.70
N PHE C 241 -27.77 10.65 24.48
CA PHE C 241 -27.12 9.40 24.86
C PHE C 241 -27.47 9.15 26.32
N THR C 242 -27.41 7.89 26.77
CA THR C 242 -27.59 7.60 28.21
C THR C 242 -26.26 7.44 28.92
N GLN C 243 -26.30 7.54 30.26
CA GLN C 243 -25.11 7.27 31.05
C GLN C 243 -24.58 5.84 30.89
N GLY C 244 -25.48 4.86 30.72
CA GLY C 244 -25.05 3.49 30.41
C GLY C 244 -24.27 3.39 29.10
N GLN C 245 -24.68 4.16 28.12
CA GLN C 245 -23.94 4.25 26.85
C GLN C 245 -22.60 4.93 27.10
N ALA C 246 -22.59 5.97 27.92
CA ALA C 246 -21.34 6.63 28.32
C ALA C 246 -20.31 5.64 28.91
N THR C 247 -20.78 4.70 29.71
CA THR C 247 -19.91 3.65 30.24
C THR C 247 -19.20 2.86 29.14
N ARG C 248 -19.93 2.46 28.12
CA ARG C 248 -19.37 1.73 26.97
C ARG C 248 -18.40 2.60 26.19
N VAL C 249 -18.76 3.87 25.98
CA VAL C 249 -17.90 4.81 25.28
C VAL C 249 -16.60 4.94 26.06
N ASN C 250 -16.71 5.07 27.37
CA ASN C 250 -15.51 5.18 28.23
C ASN C 250 -14.59 3.97 28.11
N ALA C 251 -15.18 2.79 28.09
CA ALA C 251 -14.40 1.56 27.93
C ALA C 251 -13.70 1.53 26.56
N CYS C 252 -14.40 2.01 25.52
CA CYS C 252 -13.79 2.12 24.18
C CYS C 252 -12.56 3.06 24.21
N LEU C 253 -12.74 4.21 24.84
CA LEU C 253 -11.67 5.21 24.95
C LEU C 253 -10.52 4.71 25.82
N ASP C 254 -10.83 3.87 26.81
CA ASP C 254 -9.79 3.36 27.71
C ASP C 254 -9.04 2.18 27.11
N GLY C 255 -9.63 1.53 26.11
CA GLY C 255 -9.06 0.32 25.51
C GLY C 255 -8.70 0.53 24.06
N PRO C 256 -9.58 0.08 23.15
CA PRO C 256 -9.22 0.04 21.73
C PRO C 256 -8.88 1.39 21.15
N ARG C 257 -9.46 2.46 21.69
CA ARG C 257 -9.17 3.81 21.16
C ARG C 257 -8.38 4.70 22.12
N SER C 258 -7.61 4.05 23.00
CA SER C 258 -6.83 4.76 24.01
C SER C 258 -5.76 5.67 23.40
N SER C 259 -5.41 5.43 22.13
CA SER C 259 -4.45 6.27 21.41
C SER C 259 -4.92 7.73 21.32
N PHE C 260 -6.23 7.96 21.45
CA PHE C 260 -6.79 9.33 21.40
C PHE C 260 -6.68 10.09 22.71
N LEU C 261 -6.35 9.39 23.78
CA LEU C 261 -6.23 10.01 25.09
C LEU C 261 -4.97 10.86 25.14
N ALA C 262 -5.05 11.98 25.86
CA ALA C 262 -3.89 12.86 26.07
C ALA C 262 -2.93 12.25 27.10
N ARG D 1 3.55 54.20 -11.15
CA ARG D 1 3.27 53.29 -10.00
C ARG D 1 3.15 51.87 -10.56
N MET D 2 3.74 50.93 -9.85
CA MET D 2 3.74 49.53 -10.25
C MET D 2 2.41 48.89 -9.81
N GLU D 3 1.78 48.11 -10.71
CA GLU D 3 0.70 47.21 -10.28
C GLU D 3 1.40 45.96 -9.73
N ILE D 4 1.20 45.68 -8.44
CA ILE D 4 1.79 44.48 -7.86
C ILE D 4 0.87 43.32 -8.20
N VAL D 5 1.34 42.46 -9.09
CA VAL D 5 0.58 41.29 -9.51
C VAL D 5 0.85 40.20 -8.49
N LYS D 6 -0.22 39.71 -7.86
CA LYS D 6 -0.09 38.75 -6.78
C LYS D 6 -0.50 37.36 -7.25
N ILE D 7 0.50 36.48 -7.35
CA ILE D 7 0.35 35.18 -8.01
C ILE D 7 0.09 34.13 -6.93
N PRO D 8 -1.11 33.49 -6.96
CA PRO D 8 -1.37 32.36 -6.07
C PRO D 8 -0.52 31.16 -6.53
N VAL D 9 0.18 30.56 -5.59
CA VAL D 9 1.03 29.41 -5.84
C VAL D 9 0.42 28.18 -5.20
N VAL D 10 0.46 27.05 -5.90
CA VAL D 10 0.25 25.77 -5.25
C VAL D 10 1.55 24.95 -5.38
N VAL D 11 2.06 24.48 -4.26
CA VAL D 11 3.28 23.68 -4.25
C VAL D 11 2.86 22.23 -4.13
N HIS D 12 3.23 21.42 -5.13
CA HIS D 12 2.93 20.00 -5.14
C HIS D 12 4.20 19.25 -4.72
N VAL D 13 4.25 18.84 -3.45
CA VAL D 13 5.38 18.05 -2.96
C VAL D 13 5.11 16.61 -3.32
N VAL D 14 6.02 16.02 -4.07
CA VAL D 14 5.87 14.63 -4.50
C VAL D 14 7.05 13.88 -3.91
N TRP D 15 6.74 12.96 -2.98
CA TRP D 15 7.78 12.36 -2.14
C TRP D 15 7.75 10.84 -2.19
N ASN D 16 8.94 10.23 -2.19
CA ASN D 16 9.11 8.77 -2.11
C ASN D 16 9.60 8.39 -0.70
N GLU D 17 10.76 8.89 -0.32
CA GLU D 17 11.26 8.77 1.06
C GLU D 17 10.70 9.91 1.89
N GLU D 18 10.45 9.65 3.18
CA GLU D 18 9.87 10.63 4.10
C GLU D 18 10.58 11.99 4.10
N GLU D 19 11.90 11.98 3.95
CA GLU D 19 12.69 13.21 4.05
C GLU D 19 12.38 14.14 2.89
N GLU D 20 11.81 13.58 1.82
CA GLU D 20 11.49 14.33 0.62
C GLU D 20 10.17 15.08 0.76
N ASN D 21 9.42 14.75 1.82
CA ASN D 21 8.14 15.38 2.10
C ASN D 21 8.44 16.65 2.89
N ILE D 22 8.92 17.67 2.16
CA ILE D 22 9.61 18.80 2.80
C ILE D 22 8.74 19.65 3.69
N SER D 23 9.36 20.23 4.71
CA SER D 23 8.62 20.96 5.72
C SER D 23 7.89 22.20 5.19
N ASP D 24 6.84 22.58 5.89
CA ASP D 24 6.15 23.84 5.65
C ASP D 24 7.12 25.01 5.69
N ALA D 25 8.08 24.95 6.62
CA ALA D 25 9.07 26.04 6.77
C ALA D 25 9.94 26.14 5.52
N GLN D 26 10.34 24.98 4.99
CA GLN D 26 11.22 24.97 3.81
C GLN D 26 10.44 25.58 2.64
N ILE D 27 9.18 25.17 2.49
CA ILE D 27 8.33 25.71 1.41
C ILE D 27 8.11 27.21 1.57
N GLN D 28 7.73 27.64 2.77
CA GLN D 28 7.54 29.07 3.03
C GLN D 28 8.81 29.87 2.77
N SER D 29 9.97 29.29 3.11
CA SER D 29 11.25 29.98 2.87
C SER D 29 11.42 30.30 1.39
N GLN D 30 11.00 29.39 0.51
CA GLN D 30 11.10 29.66 -0.93
C GLN D 30 10.19 30.82 -1.35
N ILE D 31 8.95 30.80 -0.87
CA ILE D 31 8.01 31.89 -1.15
C ILE D 31 8.63 33.23 -0.72
N ASP D 32 9.24 33.23 0.45
CA ASP D 32 9.86 34.45 0.98
C ASP D 32 10.93 34.96 0.01
N ILE D 33 11.74 34.05 -0.52
CA ILE D 33 12.81 34.43 -1.49
C ILE D 33 12.20 35.02 -2.76
N LEU D 34 11.16 34.37 -3.31
CA LEU D 34 10.48 34.91 -4.47
C LEU D 34 9.98 36.33 -4.25
N ASN D 35 9.42 36.58 -3.07
CA ASN D 35 8.94 37.91 -2.73
C ASN D 35 10.03 38.97 -2.57
N LYS D 36 11.26 38.53 -2.36
CA LYS D 36 12.42 39.44 -2.42
C LYS D 36 12.92 39.63 -3.84
N ASP D 37 13.21 38.52 -4.51
CA ASP D 37 13.84 38.60 -5.83
C ASP D 37 12.98 39.31 -6.87
N PHE D 38 11.67 39.08 -6.81
CA PHE D 38 10.73 39.67 -7.77
C PHE D 38 10.29 41.10 -7.44
N ARG D 39 10.83 41.63 -6.35
CA ARG D 39 10.57 43.03 -5.93
C ARG D 39 11.84 43.83 -5.72
N LYS D 40 12.98 43.27 -6.15
CA LYS D 40 14.29 43.91 -5.94
C LYS D 40 14.50 44.20 -4.45
N LEU D 41 14.06 43.27 -3.60
CA LEU D 41 14.22 43.46 -2.17
C LEU D 41 15.31 42.56 -1.59
N ASN D 42 15.96 41.77 -2.46
CA ASN D 42 17.05 40.89 -2.04
C ASN D 42 18.26 41.75 -1.63
N SER D 43 18.79 41.54 -0.44
CA SER D 43 19.92 42.33 0.01
C SER D 43 21.13 42.20 -0.93
N ASP D 44 21.35 41.00 -1.46
CA ASP D 44 22.51 40.76 -2.32
C ASP D 44 22.48 41.42 -3.72
N VAL D 45 21.45 42.23 -3.96
CA VAL D 45 21.40 43.08 -5.13
C VAL D 45 22.60 44.07 -5.11
N SER D 46 23.16 44.28 -3.91
CA SER D 46 24.41 45.06 -3.73
C SER D 46 25.62 44.49 -4.48
N GLN D 47 25.53 43.21 -4.88
CA GLN D 47 26.61 42.53 -5.61
C GLN D 47 26.66 42.90 -7.10
N VAL D 48 25.60 43.51 -7.63
CA VAL D 48 25.59 43.89 -9.06
C VAL D 48 26.70 44.91 -9.32
N PRO D 49 27.54 44.67 -10.35
CA PRO D 49 28.52 45.69 -10.73
C PRO D 49 27.84 47.05 -10.93
N SER D 50 28.45 48.10 -10.38
CA SER D 50 27.80 49.40 -10.41
C SER D 50 27.47 49.93 -11.80
N VAL D 51 28.21 49.47 -12.82
CA VAL D 51 27.94 49.89 -14.19
C VAL D 51 26.54 49.49 -14.65
N TRP D 52 25.98 48.48 -13.98
CA TRP D 52 24.67 47.97 -14.34
C TRP D 52 23.60 48.27 -13.27
N SER D 53 23.96 49.03 -12.24
CA SER D 53 22.98 49.42 -11.20
C SER D 53 21.70 49.98 -11.80
N ASN D 54 21.84 50.80 -12.84
CA ASN D 54 20.72 51.51 -13.42
C ASN D 54 19.73 50.56 -14.12
N LEU D 55 20.20 49.34 -14.43
CA LEU D 55 19.40 48.35 -15.17
C LEU D 55 18.59 47.42 -14.25
N ILE D 56 18.93 47.38 -12.98
CA ILE D 56 18.32 46.39 -12.05
C ILE D 56 16.81 46.68 -11.91
N ALA D 57 15.98 45.64 -12.08
CA ALA D 57 14.54 45.81 -12.13
C ALA D 57 13.81 45.25 -10.92
N ASP D 58 12.71 45.93 -10.61
CA ASP D 58 11.68 45.47 -9.69
C ASP D 58 10.56 44.96 -10.61
N LEU D 59 10.39 43.64 -10.66
CA LEU D 59 9.39 43.07 -11.56
C LEU D 59 7.96 43.32 -11.10
N GLY D 60 7.78 43.70 -9.83
CA GLY D 60 6.46 44.06 -9.32
C GLY D 60 5.53 42.85 -9.25
N ILE D 61 6.11 41.71 -8.92
CA ILE D 61 5.34 40.48 -8.75
C ILE D 61 5.55 39.93 -7.34
N GLU D 62 4.45 39.49 -6.72
CA GLU D 62 4.53 38.83 -5.42
C GLU D 62 3.80 37.51 -5.48
N PHE D 63 4.12 36.64 -4.54
CA PHE D 63 3.58 35.27 -4.54
C PHE D 63 3.04 34.93 -3.17
N PHE D 64 1.99 34.13 -3.16
CA PHE D 64 1.49 33.61 -1.90
C PHE D 64 0.98 32.21 -2.10
N LEU D 65 1.11 31.40 -1.06
CA LEU D 65 0.48 30.07 -1.11
C LEU D 65 -1.03 30.28 -1.17
N ALA D 66 -1.66 29.63 -2.16
CA ALA D 66 -3.10 29.79 -2.40
C ALA D 66 -3.89 29.61 -1.12
N THR D 67 -4.91 30.43 -0.97
CA THR D 67 -5.80 30.31 0.17
C THR D 67 -7.12 29.65 -0.22
N LYS D 68 -7.43 29.65 -1.52
CA LYS D 68 -8.62 28.96 -2.02
C LYS D 68 -8.19 27.96 -3.07
N ASP D 69 -8.80 26.78 -3.01
CA ASP D 69 -8.55 25.73 -3.98
C ASP D 69 -9.31 26.02 -5.28
N PRO D 70 -9.14 25.16 -6.31
CA PRO D 70 -9.72 25.51 -7.61
C PRO D 70 -11.23 25.64 -7.59
N ASN D 71 -11.86 25.05 -6.58
CA ASN D 71 -13.31 25.09 -6.44
C ASN D 71 -13.80 26.01 -5.33
N GLY D 72 -12.90 26.87 -4.86
CA GLY D 72 -13.24 27.96 -3.98
C GLY D 72 -13.21 27.61 -2.50
N ASN D 73 -12.68 26.42 -2.16
CA ASN D 73 -12.58 25.96 -0.77
C ASN D 73 -11.26 26.29 -0.11
N GLN D 74 -11.26 26.37 1.22
CA GLN D 74 -10.05 26.70 1.97
C GLN D 74 -8.97 25.67 1.66
N THR D 75 -7.74 26.14 1.51
CA THR D 75 -6.59 25.28 1.25
C THR D 75 -5.35 25.88 1.90
N THR D 76 -4.35 25.03 2.14
CA THR D 76 -3.02 25.47 2.56
C THR D 76 -2.17 25.92 1.36
N GLY D 77 -2.62 25.56 0.16
CA GLY D 77 -1.86 25.84 -1.07
C GLY D 77 -0.70 24.86 -1.27
N ILE D 78 -0.69 23.78 -0.48
CA ILE D 78 0.34 22.73 -0.61
C ILE D 78 -0.37 21.39 -0.75
N THR D 79 0.02 20.65 -1.78
CA THR D 79 -0.37 19.25 -1.90
C THR D 79 0.83 18.38 -1.58
N ARG D 80 0.56 17.20 -1.00
CA ARG D 80 1.61 16.27 -0.64
C ARG D 80 1.20 14.89 -1.10
N THR D 81 2.00 14.33 -2.01
CA THR D 81 1.65 13.12 -2.72
C THR D 81 2.77 12.11 -2.62
N GLN D 82 2.49 10.98 -1.98
CA GLN D 82 3.48 9.91 -1.93
C GLN D 82 3.59 9.20 -3.28
N THR D 83 4.80 8.81 -3.65
CA THR D 83 5.03 8.14 -4.93
C THR D 83 6.01 6.99 -4.79
N SER D 84 5.91 6.02 -5.70
CA SER D 84 6.88 4.94 -5.81
C SER D 84 7.96 5.24 -6.86
N VAL D 85 7.77 6.34 -7.59
CA VAL D 85 8.75 6.82 -8.56
C VAL D 85 10.02 7.35 -7.87
N THR D 86 11.19 6.98 -8.38
CA THR D 86 12.46 7.40 -7.78
C THR D 86 13.11 8.57 -8.49
N PHE D 87 12.71 8.81 -9.73
CA PHE D 87 13.14 10.02 -10.41
C PHE D 87 12.12 10.46 -11.46
N PHE D 88 12.10 11.76 -11.69
CA PHE D 88 11.26 12.31 -12.71
C PHE D 88 12.13 12.95 -13.78
N THR D 89 11.50 13.27 -14.91
CA THR D 89 12.27 13.85 -16.03
C THR D 89 11.58 15.03 -16.65
N THR D 90 12.22 15.64 -17.64
CA THR D 90 11.57 16.73 -18.37
C THR D 90 10.32 16.31 -19.18
N SER D 91 10.04 15.00 -19.24
CA SER D 91 8.83 14.47 -19.91
C SER D 91 7.53 14.69 -19.15
N ASP D 92 7.61 15.30 -17.95
CA ASP D 92 6.43 15.76 -17.20
C ASP D 92 5.69 14.65 -16.44
N GLU D 93 6.37 13.55 -16.14
CA GLU D 93 5.74 12.51 -15.29
C GLU D 93 5.27 13.08 -13.94
N VAL D 94 5.95 14.12 -13.44
CA VAL D 94 5.61 14.63 -12.11
C VAL D 94 4.25 15.36 -12.11
N LYS D 95 3.76 15.68 -13.31
CA LYS D 95 2.61 16.56 -13.45
C LYS D 95 1.29 15.81 -13.66
N PHE D 96 1.34 14.48 -13.59
CA PHE D 96 0.12 13.67 -13.73
C PHE D 96 0.06 12.62 -12.61
N ALA D 97 -1.10 12.48 -11.99
CA ALA D 97 -1.31 11.43 -10.98
C ALA D 97 -0.99 10.05 -11.59
N SER D 98 -1.41 9.86 -12.84
CA SER D 98 -1.25 8.63 -13.60
C SER D 98 0.19 8.12 -13.68
N SER D 99 1.14 9.04 -13.71
CA SER D 99 2.56 8.70 -13.85
C SER D 99 3.30 8.88 -12.54
N GLY D 100 2.56 8.84 -11.43
CA GLY D 100 3.15 8.88 -10.09
C GLY D 100 3.44 10.27 -9.60
N GLY D 101 2.84 11.27 -10.24
CA GLY D 101 3.03 12.67 -9.84
C GLY D 101 1.76 13.24 -9.22
N GLU D 102 1.50 14.53 -9.49
CA GLU D 102 0.28 15.17 -8.99
C GLU D 102 -0.27 16.10 -10.07
N ASP D 103 -1.58 16.05 -10.31
CA ASP D 103 -2.19 16.86 -11.38
C ASP D 103 -2.05 18.37 -11.14
N ALA D 104 -1.89 19.13 -12.23
CA ALA D 104 -1.91 20.58 -12.14
C ALA D 104 -3.26 21.15 -11.70
N TRP D 105 -3.21 22.21 -10.91
CA TRP D 105 -4.36 23.09 -10.69
C TRP D 105 -4.47 24.02 -11.89
N PRO D 106 -5.66 24.63 -12.11
CA PRO D 106 -5.88 25.46 -13.31
C PRO D 106 -4.82 26.56 -13.48
N ALA D 107 -4.11 26.47 -14.61
CA ALA D 107 -2.94 27.31 -14.88
C ALA D 107 -3.27 28.76 -15.14
N ASP D 108 -4.54 29.05 -15.38
CA ASP D 108 -4.95 30.44 -15.57
C ASP D 108 -5.07 31.19 -14.25
N ARG D 109 -5.10 30.42 -13.14
CA ARG D 109 -5.31 31.02 -11.81
C ARG D 109 -4.20 30.76 -10.81
N TYR D 110 -3.39 29.73 -11.05
CA TYR D 110 -2.33 29.35 -10.14
C TYR D 110 -1.03 29.15 -10.88
N LEU D 111 0.06 29.49 -10.19
CA LEU D 111 1.37 29.01 -10.56
C LEU D 111 1.58 27.66 -9.89
N ASN D 112 1.64 26.59 -10.70
CA ASN D 112 1.95 25.25 -10.17
C ASN D 112 3.46 25.08 -10.00
N ILE D 113 3.88 24.76 -8.79
CA ILE D 113 5.30 24.43 -8.51
C ILE D 113 5.36 22.99 -8.00
N TRP D 114 6.00 22.10 -8.76
CA TRP D 114 6.18 20.72 -8.31
C TRP D 114 7.57 20.59 -7.70
N VAL D 115 7.65 19.85 -6.60
CA VAL D 115 8.91 19.58 -5.93
C VAL D 115 9.08 18.08 -5.81
N CYS D 116 10.19 17.57 -6.34
CA CYS D 116 10.49 16.13 -6.24
C CYS D 116 11.97 15.96 -5.92
N HIS D 117 12.40 14.73 -5.68
CA HIS D 117 13.77 14.56 -5.19
C HIS D 117 14.83 14.56 -6.29
N VAL D 118 14.54 13.88 -7.40
CA VAL D 118 15.52 13.74 -8.49
C VAL D 118 14.88 14.09 -9.82
N LEU D 119 15.60 14.87 -10.62
CA LEU D 119 15.17 15.28 -11.94
C LEU D 119 16.28 15.04 -12.93
N LYS D 120 15.92 14.45 -14.07
CA LYS D 120 16.89 14.22 -15.14
C LYS D 120 16.40 14.80 -16.44
N SER D 121 17.34 15.24 -17.26
CA SER D 121 17.02 15.67 -18.63
C SER D 121 16.75 14.42 -19.48
N GLU D 122 16.35 14.64 -20.73
CA GLU D 122 16.10 13.53 -21.65
C GLU D 122 17.36 12.69 -21.91
N ILE D 123 18.53 13.31 -21.83
CA ILE D 123 19.79 12.57 -22.01
C ILE D 123 20.40 12.05 -20.69
N GLY D 124 19.68 12.25 -19.58
CA GLY D 124 20.05 11.64 -18.31
C GLY D 124 20.94 12.47 -17.39
N GLN D 125 21.15 13.74 -17.74
CA GLN D 125 21.88 14.67 -16.86
C GLN D 125 21.01 14.93 -15.66
N ASP D 126 21.63 14.93 -14.49
CA ASP D 126 20.96 15.42 -13.29
C ASP D 126 20.74 16.92 -13.46
N ILE D 127 19.52 17.38 -13.23
CA ILE D 127 19.23 18.82 -13.32
C ILE D 127 18.49 19.29 -12.05
N LEU D 128 18.42 20.61 -11.88
CA LEU D 128 17.85 21.18 -10.66
C LEU D 128 16.40 21.59 -10.82
N GLY D 129 15.96 21.82 -12.04
CA GLY D 129 14.60 22.29 -12.25
C GLY D 129 14.35 22.45 -13.74
N TYR D 130 13.07 22.63 -14.08
CA TYR D 130 12.70 22.96 -15.47
C TYR D 130 11.35 23.68 -15.46
N ALA D 131 11.12 24.44 -16.51
CA ALA D 131 9.95 25.29 -16.65
C ALA D 131 9.17 24.95 -17.91
N GLN D 132 7.92 25.40 -17.95
CA GLN D 132 7.17 25.47 -19.20
C GLN D 132 6.94 26.95 -19.50
N PHE D 133 7.36 27.37 -20.70
CA PHE D 133 7.15 28.75 -21.16
C PHE D 133 5.65 29.04 -21.41
N PRO D 134 5.28 30.33 -21.48
CA PRO D 134 3.87 30.62 -21.76
C PRO D 134 3.39 30.03 -23.07
N GLY D 135 2.09 29.80 -23.15
CA GLY D 135 1.48 29.35 -24.39
C GLY D 135 1.29 27.85 -24.50
N GLY D 136 1.80 27.10 -23.52
CA GLY D 136 1.78 25.61 -23.56
C GLY D 136 0.47 25.12 -23.01
N PRO D 137 0.25 23.79 -22.98
CA PRO D 137 -1.01 23.32 -22.43
C PRO D 137 -1.09 23.53 -20.91
N ALA D 138 -2.28 23.88 -20.44
CA ALA D 138 -2.51 24.12 -19.01
C ALA D 138 -2.12 22.91 -18.15
N GLU D 139 -2.28 21.70 -18.73
CA GLU D 139 -2.07 20.45 -17.99
C GLU D 139 -0.64 20.35 -17.43
N THR D 140 0.30 21.01 -18.08
CA THR D 140 1.71 20.88 -17.67
C THR D 140 2.36 22.24 -17.41
N ASP D 141 1.53 23.26 -17.26
CA ASP D 141 2.03 24.60 -17.02
C ASP D 141 2.56 24.75 -15.61
N GLY D 142 3.73 25.39 -15.49
CA GLY D 142 4.32 25.64 -14.18
C GLY D 142 5.81 25.31 -14.19
N VAL D 143 6.34 25.10 -13.00
CA VAL D 143 7.78 24.85 -12.84
C VAL D 143 8.01 23.66 -11.92
N VAL D 144 9.16 23.02 -12.08
CA VAL D 144 9.53 21.85 -11.26
C VAL D 144 10.90 22.14 -10.70
N ILE D 145 11.08 21.91 -9.40
CA ILE D 145 12.38 22.13 -8.72
C ILE D 145 12.69 20.95 -7.81
N VAL D 146 13.95 20.50 -7.78
CA VAL D 146 14.30 19.42 -6.84
C VAL D 146 14.32 19.93 -5.39
N ASP D 147 13.96 19.07 -4.44
CA ASP D 147 13.84 19.52 -3.07
C ASP D 147 15.15 20.08 -2.50
N ALA D 148 16.30 19.51 -2.89
CA ALA D 148 17.59 20.02 -2.38
C ALA D 148 18.01 21.38 -2.98
N ALA D 149 17.21 21.89 -3.93
CA ALA D 149 17.42 23.20 -4.52
C ALA D 149 16.20 24.11 -4.30
N PHE D 150 15.43 23.81 -3.26
CA PHE D 150 14.16 24.49 -3.02
C PHE D 150 14.17 25.06 -1.60
N GLY D 151 13.99 26.36 -1.50
CA GLY D 151 13.96 27.00 -0.18
C GLY D 151 15.36 27.18 0.41
N THR D 152 15.41 27.63 1.65
CA THR D 152 16.68 28.07 2.26
C THR D 152 16.97 27.41 3.59
N THR D 153 16.29 26.30 3.84
CA THR D 153 16.39 25.55 5.09
C THR D 153 15.97 24.11 4.79
N GLY D 154 15.85 23.28 5.82
CA GLY D 154 15.45 21.88 5.59
C GLY D 154 16.44 21.11 4.71
N THR D 155 15.98 20.59 3.58
CA THR D 155 16.87 19.76 2.75
C THR D 155 17.71 20.54 1.74
N ALA D 156 17.52 21.86 1.67
CA ALA D 156 18.27 22.68 0.69
C ALA D 156 19.77 22.59 1.00
N LEU D 157 20.56 22.41 -0.04
CA LEU D 157 22.03 22.28 0.11
C LEU D 157 22.78 23.31 -0.73
N PRO D 158 23.85 23.89 -0.15
CA PRO D 158 24.71 24.71 -1.02
C PRO D 158 25.30 23.90 -2.20
N PRO D 159 25.52 24.55 -3.36
CA PRO D 159 25.42 26.00 -3.57
C PRO D 159 24.04 26.45 -4.08
N PHE D 160 23.06 25.57 -3.94
CA PHE D 160 21.71 25.87 -4.42
C PHE D 160 20.71 25.97 -3.27
N ASP D 161 21.09 26.76 -2.27
CA ASP D 161 20.35 26.87 -1.02
C ASP D 161 19.87 28.30 -0.72
N LYS D 162 19.78 29.14 -1.75
CA LYS D 162 19.26 30.48 -1.57
C LYS D 162 17.99 30.72 -2.38
N GLY D 163 17.38 29.65 -2.86
CA GLY D 163 16.07 29.70 -3.53
C GLY D 163 16.10 30.24 -4.96
N ARG D 164 17.28 30.29 -5.58
CA ARG D 164 17.36 30.87 -6.92
C ARG D 164 16.96 29.94 -8.08
N THR D 165 16.91 28.63 -7.85
CA THR D 165 16.47 27.73 -8.94
C THR D 165 15.03 28.12 -9.31
N ALA D 166 14.21 28.34 -8.28
CA ALA D 166 12.83 28.79 -8.50
C ALA D 166 12.74 30.16 -9.15
N THR D 167 13.60 31.11 -8.73
CA THR D 167 13.60 32.44 -9.39
C THR D 167 13.94 32.29 -10.88
N HIS D 168 14.95 31.48 -11.18
CA HIS D 168 15.37 31.21 -12.56
C HIS D 168 14.22 30.54 -13.36
N GLU D 169 13.65 29.46 -12.83
CA GLU D 169 12.54 28.79 -13.55
C GLU D 169 11.31 29.66 -13.73
N ILE D 170 10.95 30.43 -12.71
CA ILE D 170 9.79 31.32 -12.83
C ILE D 170 10.07 32.44 -13.85
N GLY D 171 11.35 32.81 -13.99
CA GLY D 171 11.78 33.66 -15.11
C GLY D 171 11.33 33.10 -16.45
N HIS D 172 11.61 31.82 -16.69
CA HIS D 172 11.11 31.13 -17.90
C HIS D 172 9.59 31.14 -17.98
N TRP D 173 8.93 30.87 -16.85
CA TRP D 173 7.47 30.84 -16.81
C TRP D 173 6.91 32.19 -17.29
N LEU D 174 7.66 33.28 -17.03
CA LEU D 174 7.28 34.65 -17.39
C LEU D 174 7.89 35.10 -18.74
N ASN D 175 8.39 34.13 -19.51
CA ASN D 175 8.86 34.32 -20.89
C ASN D 175 10.29 34.85 -21.04
N LEU D 176 11.13 34.63 -20.03
CA LEU D 176 12.55 35.01 -20.14
C LEU D 176 13.38 33.81 -20.56
N TYR D 177 14.32 34.08 -21.47
CA TYR D 177 15.21 33.06 -21.99
C TYR D 177 16.61 33.18 -21.43
N HIS D 178 17.35 32.07 -21.47
CA HIS D 178 18.74 32.04 -21.03
C HIS D 178 19.51 33.17 -21.69
N ILE D 179 20.31 33.87 -20.88
CA ILE D 179 20.93 35.09 -21.38
C ILE D 179 21.91 34.81 -22.51
N TRP D 180 22.50 33.61 -22.53
CA TRP D 180 23.51 33.30 -23.56
C TRP D 180 22.91 32.87 -24.92
N GLY D 181 21.60 32.68 -25.00
CA GLY D 181 20.94 32.41 -26.27
C GLY D 181 20.72 30.96 -26.70
N ASP D 182 21.17 29.98 -25.90
CA ASP D 182 20.87 28.55 -26.16
C ASP D 182 21.31 28.02 -27.52
N GLU D 183 22.51 28.37 -27.95
CA GLU D 183 23.04 27.74 -29.17
C GLU D 183 23.16 26.22 -29.08
N LEU D 184 22.97 25.58 -30.22
CA LEU D 184 23.23 24.15 -30.37
C LEU D 184 24.73 23.96 -30.60
N ARG D 185 25.22 22.73 -30.43
CA ARG D 185 26.69 22.55 -30.35
C ARG D 185 27.43 22.95 -31.61
N PHE D 186 26.77 22.83 -32.76
CA PHE D 186 27.36 23.15 -34.06
C PHE D 186 27.24 24.62 -34.45
N GLU D 187 26.53 25.42 -33.64
CA GLU D 187 26.29 26.83 -33.95
C GLU D 187 27.37 27.76 -33.36
N ASP D 188 27.57 28.90 -34.03
CA ASP D 188 28.47 29.96 -33.54
C ASP D 188 27.98 30.43 -32.16
N PRO D 189 28.87 30.39 -31.14
CA PRO D 189 28.44 30.70 -29.76
C PRO D 189 28.00 32.12 -29.53
N CYS D 190 28.21 33.01 -30.51
CA CYS D 190 27.80 34.42 -30.37
C CYS D 190 26.61 34.79 -31.24
N SER D 191 25.93 33.78 -31.79
CA SER D 191 24.95 33.98 -32.85
C SER D 191 23.50 34.10 -32.39
N ARG D 192 23.18 33.58 -31.21
CA ARG D 192 21.78 33.63 -30.75
C ARG D 192 21.53 34.68 -29.68
N SER D 193 20.30 35.20 -29.68
CA SER D 193 19.91 36.30 -28.81
C SER D 193 18.83 35.84 -27.82
N ASP D 194 18.83 36.43 -26.63
CA ASP D 194 17.72 36.24 -25.66
C ASP D 194 16.58 37.28 -25.86
N GLU D 195 16.66 38.07 -26.94
CA GLU D 195 15.67 39.10 -27.27
C GLU D 195 15.55 40.20 -26.21
N VAL D 196 16.65 40.46 -25.49
CA VAL D 196 16.67 41.54 -24.53
C VAL D 196 17.89 42.40 -24.81
N ASP D 197 17.64 43.66 -25.19
CA ASP D 197 18.74 44.55 -25.56
C ASP D 197 19.72 44.83 -24.43
N ASP D 198 19.22 44.96 -23.20
CA ASP D 198 20.11 45.34 -22.11
C ASP D 198 20.90 44.20 -21.43
N THR D 199 20.69 42.97 -21.91
CA THR D 199 21.57 41.87 -21.51
C THR D 199 22.64 41.71 -22.61
N PRO D 200 23.92 41.85 -22.23
CA PRO D 200 25.03 41.79 -23.21
C PRO D 200 25.01 40.47 -23.97
N ASN D 201 25.33 40.50 -25.27
CA ASN D 201 25.48 39.25 -26.03
C ASN D 201 26.52 38.41 -25.33
N GLN D 202 26.24 37.11 -25.20
CA GLN D 202 27.05 36.23 -24.34
C GLN D 202 27.23 34.89 -25.00
N ALA D 203 28.43 34.32 -24.89
CA ALA D 203 28.74 33.07 -25.56
C ALA D 203 27.94 31.91 -24.96
N ASP D 204 28.37 31.49 -23.78
CA ASP D 204 27.91 30.26 -23.14
C ASP D 204 27.36 30.55 -21.73
N PRO D 205 26.66 29.55 -21.13
CA PRO D 205 26.30 29.69 -19.73
C PRO D 205 27.54 29.80 -18.88
N ASN D 206 27.43 30.56 -17.81
CA ASN D 206 28.43 30.57 -16.76
C ASN D 206 27.97 29.73 -15.57
N PHE D 207 28.89 28.94 -15.02
CA PHE D 207 28.62 28.14 -13.83
C PHE D 207 29.44 28.68 -12.67
N GLY D 208 29.13 28.24 -11.45
CA GLY D 208 29.86 28.67 -10.28
C GLY D 208 29.68 30.14 -10.00
N CYS D 209 30.79 30.84 -9.74
CA CYS D 209 30.73 32.29 -9.60
C CYS D 209 31.95 32.97 -10.23
N PRO D 210 31.81 33.39 -11.49
CA PRO D 210 32.87 34.07 -12.22
C PRO D 210 33.35 35.35 -11.53
N SER D 211 34.60 35.73 -11.80
CA SER D 211 35.08 37.04 -11.38
C SER D 211 34.64 38.12 -12.38
N TYR D 212 34.28 39.31 -11.88
CA TYR D 212 33.95 40.42 -12.78
C TYR D 212 35.23 41.10 -13.29
N PRO D 213 35.34 41.36 -14.61
CA PRO D 213 34.43 41.04 -15.70
C PRO D 213 34.71 39.66 -16.28
N HIS D 214 33.67 39.03 -16.82
CA HIS D 214 33.84 37.79 -17.57
C HIS D 214 33.44 38.04 -19.02
N VAL D 215 34.44 38.33 -19.84
CA VAL D 215 34.16 38.78 -21.18
C VAL D 215 33.92 37.61 -22.14
N SER D 216 32.92 37.77 -23.00
CA SER D 216 32.70 36.83 -24.12
C SER D 216 32.10 37.56 -25.30
N CYS D 217 32.23 37.00 -26.51
CA CYS D 217 31.61 37.58 -27.69
C CYS D 217 31.95 39.08 -27.85
N SER D 218 33.18 39.45 -27.52
CA SER D 218 33.63 40.85 -27.63
C SER D 218 32.70 41.85 -26.92
N ASN D 219 32.18 41.47 -25.76
CA ASN D 219 31.24 42.32 -25.04
C ASN D 219 31.98 43.10 -23.95
N GLY D 220 33.30 43.18 -24.11
CA GLY D 220 34.12 43.99 -23.24
C GLY D 220 33.81 45.47 -23.38
N PRO D 221 34.18 46.26 -22.37
CA PRO D 221 34.95 45.83 -21.22
C PRO D 221 34.14 45.25 -20.04
N ASN D 222 32.82 45.44 -20.04
CA ASN D 222 32.01 45.02 -18.88
C ASN D 222 31.75 43.51 -18.83
N GLY D 223 31.66 42.87 -20.00
CA GLY D 223 31.54 41.42 -20.08
C GLY D 223 30.12 40.91 -19.88
N ASP D 224 30.03 39.60 -19.66
CA ASP D 224 28.75 38.89 -19.44
C ASP D 224 28.07 39.39 -18.18
N MET D 225 26.74 39.54 -18.24
CA MET D 225 25.98 39.83 -17.02
C MET D 225 25.66 38.50 -16.30
N PHE D 226 26.71 37.85 -15.79
CA PHE D 226 26.59 36.49 -15.23
C PHE D 226 25.84 36.44 -13.92
N MET D 227 25.59 37.60 -13.33
CA MET D 227 24.83 37.70 -12.08
C MET D 227 23.33 37.90 -12.32
N ASN D 228 22.94 37.77 -13.58
CA ASN D 228 21.52 37.76 -13.94
C ASN D 228 20.92 36.39 -13.62
N TYR D 229 19.67 36.36 -13.15
CA TYR D 229 19.00 35.10 -12.81
C TYR D 229 18.87 34.12 -13.95
N LEU D 230 18.97 34.63 -15.19
CA LEU D 230 18.83 33.76 -16.37
C LEU D 230 20.16 33.21 -16.89
N ASP D 231 21.24 33.39 -16.12
CA ASP D 231 22.47 32.62 -16.34
C ASP D 231 22.39 31.31 -15.52
N TYR D 232 23.51 30.62 -15.38
CA TYR D 232 23.55 29.30 -14.72
C TYR D 232 24.45 29.29 -13.48
N VAL D 233 24.82 30.49 -13.01
CA VAL D 233 25.70 30.62 -11.85
C VAL D 233 25.02 30.12 -10.55
N ASP D 234 25.85 29.85 -9.54
CA ASP D 234 25.39 29.46 -8.21
C ASP D 234 24.43 30.47 -7.62
N ASP D 235 23.59 30.00 -6.69
CA ASP D 235 22.52 30.83 -6.12
C ASP D 235 23.02 32.15 -5.55
N LYS D 236 24.14 32.11 -4.84
CA LYS D 236 24.63 33.31 -4.18
C LYS D 236 25.20 34.32 -5.18
N CYS D 237 25.35 33.89 -6.44
CA CYS D 237 26.02 34.70 -7.46
C CYS D 237 25.07 35.34 -8.48
N MET D 238 23.80 34.91 -8.47
CA MET D 238 22.78 35.55 -9.33
C MET D 238 21.79 36.30 -8.46
N VAL D 239 21.60 37.57 -8.79
CA VAL D 239 20.98 38.53 -7.88
C VAL D 239 20.10 39.59 -8.54
N MET D 240 19.89 39.50 -9.85
CA MET D 240 19.09 40.54 -10.54
C MET D 240 18.39 40.11 -11.82
N PHE D 241 17.28 40.79 -12.10
CA PHE D 241 16.70 40.90 -13.44
C PHE D 241 17.01 42.29 -13.97
N THR D 242 17.00 42.44 -15.30
CA THR D 242 17.12 43.76 -15.93
C THR D 242 15.76 44.38 -16.29
N GLN D 243 15.76 45.69 -16.49
CA GLN D 243 14.60 46.39 -16.99
C GLN D 243 14.11 45.86 -18.36
N GLY D 244 15.04 45.47 -19.22
CA GLY D 244 14.67 44.90 -20.52
C GLY D 244 13.96 43.56 -20.35
N GLN D 245 14.38 42.78 -19.36
CA GLN D 245 13.65 41.56 -19.01
C GLN D 245 12.27 41.88 -18.45
N ALA D 246 12.18 42.90 -17.59
CA ALA D 246 10.88 43.38 -17.08
C ALA D 246 9.93 43.69 -18.22
N THR D 247 10.46 44.27 -19.30
CA THR D 247 9.62 44.55 -20.47
C THR D 247 8.94 43.30 -21.01
N ARG D 248 9.72 42.22 -21.18
CA ARG D 248 9.18 40.93 -21.61
C ARG D 248 8.18 40.35 -20.61
N VAL D 249 8.53 40.47 -19.32
CA VAL D 249 7.66 39.96 -18.26
C VAL D 249 6.32 40.68 -18.35
N ASN D 250 6.35 42.00 -18.56
CA ASN D 250 5.12 42.79 -18.67
C ASN D 250 4.25 42.38 -19.86
N ALA D 251 4.90 42.10 -20.99
CA ALA D 251 4.22 41.62 -22.17
C ALA D 251 3.54 40.28 -21.90
N CYS D 252 4.23 39.42 -21.16
CA CYS D 252 3.68 38.11 -20.75
C CYS D 252 2.43 38.29 -19.87
N LEU D 253 2.52 39.17 -18.89
CA LEU D 253 1.42 39.46 -17.99
C LEU D 253 0.26 40.13 -18.71
N ASP D 254 0.56 40.96 -19.73
CA ASP D 254 -0.49 41.68 -20.45
C ASP D 254 -1.21 40.78 -21.46
N GLY D 255 -0.54 39.69 -21.85
CA GLY D 255 -1.01 38.81 -22.91
C GLY D 255 -1.35 37.41 -22.41
N PRO D 256 -0.43 36.46 -22.60
CA PRO D 256 -0.77 35.06 -22.32
C PRO D 256 -1.10 34.77 -20.87
N ARG D 257 -0.60 35.59 -19.96
CA ARG D 257 -0.90 35.36 -18.53
C ARG D 257 -1.75 36.47 -17.93
N SER D 258 -2.52 37.14 -18.78
CA SER D 258 -3.40 38.23 -18.32
C SER D 258 -4.48 37.77 -17.35
N SER D 259 -4.78 36.47 -17.34
CA SER D 259 -5.74 35.94 -16.37
C SER D 259 -5.32 36.17 -14.91
N PHE D 260 -4.04 36.44 -14.67
CA PHE D 260 -3.52 36.67 -13.32
C PHE D 260 -3.71 38.10 -12.85
N LEU D 261 -4.07 38.99 -13.77
CA LEU D 261 -4.22 40.40 -13.44
C LEU D 261 -5.48 40.66 -12.63
N ALA D 262 -5.42 41.64 -11.74
CA ALA D 262 -6.55 42.02 -10.89
C ALA D 262 -7.73 42.56 -11.72
ZN ZN E . -24.66 -15.91 2.23
CA CA F . -38.29 -13.28 1.95
CA CA G . -36.54 -15.53 -6.77
CA CA H . -14.87 -3.78 4.55
C1 GOL I . -3.03 -15.34 -12.78
O1 GOL I . -2.50 -14.18 -13.41
C2 GOL I . -1.94 -16.41 -12.73
O2 GOL I . -1.44 -16.62 -14.05
C3 GOL I . -2.57 -17.69 -12.15
O3 GOL I . -1.77 -18.85 -12.26
N ARG J . -22.00 -16.70 5.82
CA ARG J . -22.97 -17.80 6.09
C ARG J . -23.11 -17.97 7.59
O ARG J . -22.13 -18.14 8.31
CB ARG J . -22.50 -19.10 5.46
CG ARG J . -23.54 -20.22 5.43
CD ARG J . -22.89 -21.55 5.03
NE ARG J . -23.80 -22.70 5.06
CZ ARG J . -23.43 -23.93 4.71
NH1 ARG J . -22.20 -24.18 4.32
NH2 ARG J . -24.30 -24.92 4.75
N VAL K . -24.37 -17.90 8.05
CA VAL K . -24.74 -18.05 9.44
C VAL K . -25.21 -19.49 9.64
O VAL K . -25.62 -20.13 8.68
CB VAL K . -25.88 -17.02 9.80
CG1 VAL K . -25.28 -15.59 9.93
CG2 VAL K . -26.64 -17.41 11.06
OXT VAL K . -25.16 -20.07 10.74
C1 GOL L . 13.25 -29.83 5.26
O1 GOL L . 12.60 -30.00 6.51
C2 GOL L . 12.22 -30.08 4.15
O2 GOL L . 11.86 -31.45 4.15
C3 GOL L . 12.80 -29.64 2.81
O3 GOL L . 12.04 -30.08 1.70
C1 GOL M . 22.47 -22.56 13.59
O1 GOL M . 21.56 -22.46 14.66
C2 GOL M . 23.69 -23.24 14.19
O2 GOL M . 24.23 -22.43 15.22
C3 GOL M . 24.73 -23.56 13.13
O3 GOL M . 25.64 -24.46 13.70
ZN ZN N . 34.48 -14.71 2.04
CA CA O . 48.00 -14.11 5.07
CA CA P . 46.48 -23.02 4.75
CA CA Q . 24.31 -10.28 13.23
N ARG R . 31.79 -11.58 0.26
CA ARG R . 32.87 -11.45 -0.75
C ARG R . 32.92 -10.02 -1.24
O ARG R . 31.89 -9.43 -1.56
CB ARG R . 32.67 -12.41 -1.95
CG ARG R . 33.57 -12.05 -3.14
CD ARG R . 33.98 -13.22 -4.03
NE ARG R . 32.93 -13.60 -4.99
CZ ARG R . 33.14 -14.08 -6.21
NH1 ARG R . 34.35 -14.21 -6.73
NH2 ARG R . 32.09 -14.40 -6.95
N VAL S . 34.13 -9.45 -1.27
CA VAL S . 34.33 -8.11 -1.81
C VAL S . 34.84 -8.16 -3.26
O VAL S . 35.25 -9.22 -3.76
CB VAL S . 35.28 -7.23 -0.94
CG1 VAL S . 36.74 -7.51 -1.24
CG2 VAL S . 34.97 -7.39 0.56
OXT VAL S . 34.85 -7.14 -3.96
C1 GOL T . -4.24 16.49 14.50
O1 GOL T . -4.14 17.88 14.39
C2 GOL T . -2.88 15.78 14.61
O2 GOL T . -1.99 16.45 15.49
C3 GOL T . -3.12 14.34 15.11
O3 GOL T . -1.90 13.61 14.98
C1 GOL U . -3.62 14.34 2.49
O1 GOL U . -4.46 13.25 2.21
C2 GOL U . -2.21 13.91 2.91
O2 GOL U . -1.30 14.56 2.06
C3 GOL U . -2.01 12.40 2.77
O3 GOL U . -1.81 11.79 4.02
C1 GOL V . -9.19 0.71 16.65
O1 GOL V . -9.99 -0.06 17.52
C2 GOL V . -9.25 0.07 15.26
O2 GOL V . -8.59 -1.19 15.26
C3 GOL V . -8.60 1.00 14.25
O3 GOL V . -7.22 0.68 14.20
C1 GOL W . -8.07 20.38 -5.56
O1 GOL W . -8.09 20.07 -6.94
C2 GOL W . -7.75 19.13 -4.73
O2 GOL W . -8.68 18.99 -3.68
C3 GOL W . -6.36 19.27 -4.11
O3 GOL W . -5.39 19.05 -5.10
C1 GOL X . -23.29 9.65 36.98
O1 GOL X . -24.08 8.49 36.91
C2 GOL X . -22.18 9.63 35.93
O2 GOL X . -21.50 8.39 36.02
C3 GOL X . -21.19 10.77 36.18
O3 GOL X . -21.82 12.03 35.99
ZN ZN Y . -26.66 2.57 13.03
CA CA Z . -35.20 -6.07 19.73
CA CA AA . -30.71 -2.05 26.52
N ARG BA . -26.87 3.98 8.73
CA ARG BA . -28.22 4.46 9.16
C ARG BA . -29.15 4.32 7.98
O ARG BA . -28.91 4.87 6.90
CB ARG BA . -28.16 5.92 9.63
CG ARG BA . -29.43 6.42 10.30
CD ARG BA . -29.36 7.92 10.48
NE ARG BA . -30.54 8.51 11.10
CZ ARG BA . -30.69 9.82 11.31
NH1 ARG BA . -29.75 10.67 10.96
NH2 ARG BA . -31.79 10.28 11.89
N VAL CA . -30.23 3.56 8.20
CA VAL CA . -31.23 3.28 7.19
C VAL CA . -32.32 4.37 7.24
O VAL CA . -32.61 4.93 8.31
CB VAL CA . -31.80 1.85 7.37
CG1 VAL CA . -30.79 0.81 6.85
CG2 VAL CA . -33.15 1.68 6.69
OXT VAL CA . -32.91 4.73 6.22
C1 GOL DA . -7.14 31.62 -7.10
O1 GOL DA . -8.35 31.42 -7.80
C2 GOL DA . -7.37 31.46 -5.60
O2 GOL DA . -8.33 32.42 -5.15
C3 GOL DA . -6.06 31.66 -4.84
O3 GOL DA . -6.21 31.73 -3.43
ZN ZN EA . 16.87 27.83 -17.48
CA CA FA . 25.55 32.72 -27.11
CA CA GA . 20.69 40.12 -24.91
CA CA HA . 5.50 17.92 -22.07
N ARG IA . 17.18 24.00 -15.20
CA ARG IA . 18.50 24.53 -14.73
C ARG IA . 19.43 23.35 -14.51
O ARG IA . 19.10 22.40 -13.79
CB ARG IA . 18.35 25.34 -13.44
CG ARG IA . 19.58 26.15 -13.06
CD ARG IA . 19.49 26.64 -11.64
NE ARG IA . 20.64 27.43 -11.17
CZ ARG IA . 20.76 27.87 -9.92
NH1 ARG IA . 19.82 27.59 -9.03
NH2 ARG IA . 21.80 28.58 -9.56
N VAL JA . 20.59 23.42 -15.16
CA VAL JA . 21.60 22.38 -15.05
C VAL JA . 22.68 22.83 -14.05
O VAL JA . 22.90 24.02 -13.86
CB VAL JA . 22.24 22.04 -16.44
CG1 VAL JA . 21.16 21.83 -17.50
CG2 VAL JA . 23.10 20.79 -16.34
OXT VAL JA . 23.31 21.99 -13.40
#